data_6LGH
#
_entry.id   6LGH
#
_cell.length_a   64.360
_cell.length_b   128.300
_cell.length_c   154.420
_cell.angle_alpha   90.000
_cell.angle_beta   90.000
_cell.angle_gamma   90.000
#
_symmetry.space_group_name_H-M   'P 21 21 21'
#
loop_
_entity.id
_entity.type
_entity.pdbx_description
1 polymer 'Sucrose hydrolase'
2 non-polymer 'MAGNESIUM ION'
3 non-polymer 'CALCIUM ION'
4 non-polymer beta-D-glucopyranose
5 water water
#
_entity_poly.entity_id   1
_entity_poly.type   'polypeptide(L)'
_entity_poly.pdbx_seq_one_letter_code
;MGSSHHHHHHSSGLVPRGSHMSNQNAPTPPPTEVIQLDWWKNCVLYQIYPRSFKDSDGDGIGDLKGIISELKHFVDAGVD
AIWMSPIFESPMVDFGYDISNFYDIHYEYGTMEDFEELLDKAHELGLKVLLDFVPNHASNESEYFIKSEAREPGYENFFI
WADPLPNPENPGVRLPPSNWVSQFGGSAWEWSEKRQQYYLHQFAIQQVDFDFRNPAVKQEMFNIMKFWLDKGADGFRLDA
LPYLIEADPADHEGRYPDDPLSGLTQFESHQLGYTIPLYTKDLIELYDVVYEWREFLDEYNKNHGGDTRVVFSQGYANVS
MTMLYYGNEDGAIGAHFPFNFDFITDLSSKSNARDFVYIILRWLTYMPYGGIPNWVFGNHDNNRMPTRFRHDMVDGLNII
NMLLPGVAVTYQGEEIGMRDGYVSWEDTVDIEACNRGDPDTYHLYSRDPARTPYHWDNSTSAGFSTSTNTWLPVAEDYQE
INLAKQKETARSHFKNYQALTKLRKQATLSHGEYDIRALSDRTFYLVRSLPTHDTYVLLFNVSERRDTVDLGRVPHLTLP
ATVYVSSIHSARLAGHEITSSQLSLEAGEALVLKAQPI
;
_entity_poly.pdbx_strand_id   A,B
#
# COMPACT_ATOMS: atom_id res chain seq x y z
N VAL A 34 4.87 -34.48 -9.45
CA VAL A 34 4.86 -33.48 -8.34
C VAL A 34 5.60 -34.09 -7.13
N ILE A 35 6.84 -33.66 -6.89
CA ILE A 35 7.70 -34.14 -5.77
C ILE A 35 7.03 -33.73 -4.45
N GLN A 36 7.05 -34.62 -3.46
CA GLN A 36 6.51 -34.38 -2.08
C GLN A 36 7.24 -33.18 -1.47
N LEU A 37 6.49 -32.27 -0.85
CA LEU A 37 7.03 -31.08 -0.16
C LEU A 37 7.35 -31.46 1.29
N ASP A 38 8.48 -30.95 1.81
CA ASP A 38 8.78 -31.01 3.27
C ASP A 38 7.52 -30.50 4.00
N TRP A 39 7.23 -31.06 5.18
CA TRP A 39 5.90 -30.95 5.86
C TRP A 39 5.50 -29.48 6.07
N TRP A 40 6.46 -28.60 6.32
CA TRP A 40 6.20 -27.21 6.80
C TRP A 40 5.92 -26.26 5.64
N LYS A 41 5.99 -26.73 4.40
CA LYS A 41 5.84 -25.85 3.21
C LYS A 41 4.36 -25.73 2.84
N ASN A 42 3.51 -26.67 3.28
CA ASN A 42 2.06 -26.62 3.00
C ASN A 42 1.25 -27.20 4.16
N CYS A 43 1.80 -27.18 5.38
CA CYS A 43 1.05 -27.63 6.58
C CYS A 43 -0.14 -26.70 6.80
N VAL A 44 -1.20 -27.25 7.38
CA VAL A 44 -2.24 -26.50 8.10
C VAL A 44 -1.74 -26.38 9.53
N LEU A 45 -1.47 -25.15 9.98
CA LEU A 45 -0.90 -24.86 11.31
C LEU A 45 -2.00 -24.24 12.18
N TYR A 46 -2.23 -24.80 13.36
CA TYR A 46 -3.32 -24.39 14.28
C TYR A 46 -2.67 -23.84 15.53
N GLN A 47 -3.01 -22.61 15.89
CA GLN A 47 -2.54 -22.00 17.16
C GLN A 47 -3.50 -22.40 18.28
N ILE A 48 -3.00 -23.12 19.27
CA ILE A 48 -3.73 -23.39 20.52
C ILE A 48 -3.38 -22.27 21.52
N TYR A 49 -4.40 -21.69 22.17
CA TYR A 49 -4.27 -20.84 23.37
C TYR A 49 -4.61 -21.73 24.55
N PRO A 50 -3.60 -22.42 25.16
CA PRO A 50 -3.85 -23.49 26.12
C PRO A 50 -4.83 -23.15 27.26
N ARG A 51 -4.72 -21.95 27.83
CA ARG A 51 -5.58 -21.49 28.95
C ARG A 51 -7.06 -21.56 28.55
N SER A 52 -7.38 -21.58 27.25
CA SER A 52 -8.76 -21.47 26.75
C SER A 52 -9.18 -22.65 25.86
N PHE A 53 -8.33 -23.65 25.67
CA PHE A 53 -8.62 -24.80 24.78
C PHE A 53 -9.51 -25.82 25.51
N LYS A 54 -8.95 -26.58 26.47
CA LYS A 54 -9.71 -27.63 27.19
C LYS A 54 -9.21 -27.72 28.64
N ASP A 55 -10.12 -27.54 29.59
CA ASP A 55 -9.90 -27.72 31.05
C ASP A 55 -10.25 -29.18 31.39
N SER A 56 -9.26 -29.98 31.79
CA SER A 56 -9.42 -31.41 32.16
C SER A 56 -9.77 -31.53 33.66
N ASP A 57 -9.44 -30.55 34.50
CA ASP A 57 -9.41 -30.74 35.98
C ASP A 57 -10.33 -29.75 36.71
N GLY A 58 -11.31 -29.15 36.02
CA GLY A 58 -12.42 -28.37 36.62
C GLY A 58 -11.98 -27.16 37.44
N ASP A 59 -10.83 -26.55 37.13
CA ASP A 59 -10.37 -25.29 37.79
C ASP A 59 -10.68 -24.09 36.89
N GLY A 60 -11.29 -24.32 35.72
CA GLY A 60 -11.72 -23.29 34.77
C GLY A 60 -10.56 -22.74 33.96
N ILE A 61 -9.42 -23.44 33.98
CA ILE A 61 -8.16 -23.07 33.28
C ILE A 61 -7.80 -24.22 32.34
N GLY A 62 -7.64 -23.93 31.05
CA GLY A 62 -7.21 -24.95 30.08
C GLY A 62 -5.84 -25.48 30.46
N ASP A 63 -5.56 -26.74 30.17
CA ASP A 63 -4.34 -27.44 30.65
C ASP A 63 -3.91 -28.48 29.60
N LEU A 64 -2.75 -29.11 29.81
CA LEU A 64 -2.13 -30.02 28.82
C LEU A 64 -2.91 -31.35 28.74
N LYS A 65 -3.45 -31.84 29.85
CA LYS A 65 -4.28 -33.06 29.83
C LYS A 65 -5.51 -32.77 28.99
N GLY A 66 -6.06 -31.56 29.11
CA GLY A 66 -7.13 -31.04 28.25
C GLY A 66 -6.78 -31.14 26.78
N ILE A 67 -5.63 -30.58 26.38
CA ILE A 67 -5.15 -30.64 24.97
C ILE A 67 -5.01 -32.11 24.55
N ILE A 68 -4.35 -32.92 25.39
CA ILE A 68 -4.07 -34.35 25.10
C ILE A 68 -5.39 -35.05 24.75
N SER A 69 -6.44 -34.77 25.53
CA SER A 69 -7.79 -35.39 25.41
C SER A 69 -8.44 -35.04 24.08
N GLU A 70 -8.03 -33.92 23.45
CA GLU A 70 -8.66 -33.46 22.18
C GLU A 70 -7.64 -33.40 21.04
N LEU A 71 -6.53 -34.16 21.10
CA LEU A 71 -5.54 -34.20 19.99
C LEU A 71 -6.20 -34.79 18.73
N LYS A 72 -7.16 -35.71 18.90
CA LYS A 72 -7.96 -36.29 17.80
C LYS A 72 -8.67 -35.19 17.00
N HIS A 73 -9.03 -34.07 17.65
CA HIS A 73 -9.69 -32.93 16.98
C HIS A 73 -8.85 -32.43 15.79
N PHE A 74 -7.52 -32.38 15.95
CA PHE A 74 -6.58 -31.88 14.91
C PHE A 74 -6.60 -32.83 13.72
N VAL A 75 -6.64 -34.15 13.98
CA VAL A 75 -6.74 -35.18 12.90
C VAL A 75 -8.09 -35.00 12.20
N ASP A 76 -9.17 -34.88 12.98
CA ASP A 76 -10.56 -34.73 12.45
C ASP A 76 -10.63 -33.49 11.55
N ALA A 77 -10.02 -32.39 11.99
CA ALA A 77 -10.04 -31.08 11.29
C ALA A 77 -9.12 -31.10 10.07
N GLY A 78 -8.11 -31.96 10.01
CA GLY A 78 -7.10 -31.99 8.93
C GLY A 78 -6.00 -30.96 9.19
N VAL A 79 -5.70 -30.72 10.46
CA VAL A 79 -4.55 -29.91 10.94
C VAL A 79 -3.31 -30.80 10.94
N ASP A 80 -2.19 -30.31 10.41
CA ASP A 80 -0.90 -31.04 10.35
C ASP A 80 -0.03 -30.69 11.56
N ALA A 81 -0.12 -29.47 12.07
CA ALA A 81 0.82 -28.93 13.06
C ALA A 81 0.07 -28.03 14.03
N ILE A 82 0.45 -28.07 15.31
CA ILE A 82 -0.12 -27.19 16.34
C ILE A 82 1.06 -26.42 16.94
N TRP A 83 0.83 -25.16 17.26
CA TRP A 83 1.73 -24.41 18.16
C TRP A 83 0.89 -23.94 19.35
N MET A 84 1.48 -23.97 20.53
CA MET A 84 0.80 -23.46 21.75
C MET A 84 1.41 -22.12 22.14
N SER A 85 0.54 -21.16 22.50
CA SER A 85 0.93 -19.97 23.30
C SER A 85 1.66 -20.49 24.52
N PRO A 86 2.55 -19.68 25.14
CA PRO A 86 3.51 -20.19 26.13
C PRO A 86 2.90 -21.03 27.27
N ILE A 87 3.60 -22.10 27.61
CA ILE A 87 3.20 -23.06 28.69
C ILE A 87 4.33 -23.21 29.70
N PHE A 88 5.34 -22.33 29.66
CA PHE A 88 6.49 -22.38 30.60
C PHE A 88 6.09 -21.67 31.90
N GLU A 89 6.80 -21.97 32.99
CA GLU A 89 6.54 -21.39 34.33
C GLU A 89 6.41 -19.87 34.17
N SER A 90 5.39 -19.28 34.77
CA SER A 90 5.02 -17.87 34.53
C SER A 90 4.11 -17.37 35.63
N PRO A 91 4.41 -16.18 36.20
CA PRO A 91 3.47 -15.49 37.10
C PRO A 91 2.14 -15.10 36.46
N MET A 92 2.00 -15.30 35.14
CA MET A 92 0.73 -15.10 34.37
C MET A 92 0.33 -13.62 34.32
N VAL A 93 1.27 -12.70 34.51
CA VAL A 93 0.98 -11.24 34.36
C VAL A 93 0.52 -11.00 32.91
N ASP A 94 1.20 -11.62 31.94
CA ASP A 94 0.84 -11.57 30.51
C ASP A 94 0.50 -13.00 30.04
N PHE A 95 -0.17 -13.75 30.90
CA PHE A 95 -0.67 -15.13 30.67
C PHE A 95 0.34 -15.96 29.85
N GLY A 96 1.57 -16.03 30.34
CA GLY A 96 2.60 -16.98 29.84
C GLY A 96 3.72 -16.27 29.09
N TYR A 97 3.50 -15.06 28.59
CA TYR A 97 4.55 -14.28 27.86
C TYR A 97 5.50 -13.62 28.84
N ASP A 98 5.20 -13.70 30.13
CA ASP A 98 6.14 -13.33 31.23
C ASP A 98 6.68 -14.61 31.86
N ILE A 99 7.81 -15.11 31.35
CA ILE A 99 8.36 -16.47 31.64
C ILE A 99 9.40 -16.36 32.77
N SER A 100 9.16 -17.07 33.88
CA SER A 100 10.03 -17.08 35.09
C SER A 100 10.99 -18.29 35.05
N ASN A 101 10.69 -19.31 34.23
CA ASN A 101 11.58 -20.48 34.01
C ASN A 101 11.31 -21.05 32.61
N PHE A 102 12.24 -20.85 31.68
CA PHE A 102 12.15 -21.27 30.25
C PHE A 102 12.38 -22.78 30.12
N TYR A 103 12.49 -23.53 31.22
CA TYR A 103 12.89 -24.97 31.24
C TYR A 103 11.86 -25.87 31.92
N ASP A 104 10.72 -25.35 32.35
CA ASP A 104 9.68 -26.21 32.97
C ASP A 104 8.29 -25.67 32.65
N ILE A 105 7.28 -26.51 32.89
CA ILE A 105 5.85 -26.27 32.54
C ILE A 105 5.21 -25.45 33.66
N HIS A 106 4.32 -24.53 33.29
CA HIS A 106 3.44 -23.77 34.21
C HIS A 106 2.54 -24.78 34.95
N TYR A 107 2.57 -24.78 36.28
CA TYR A 107 1.86 -25.77 37.13
C TYR A 107 0.36 -25.83 36.76
N GLU A 108 -0.31 -24.69 36.55
CA GLU A 108 -1.75 -24.65 36.20
C GLU A 108 -2.00 -25.45 34.91
N TYR A 109 -1.05 -25.50 33.97
CA TYR A 109 -1.21 -26.23 32.68
C TYR A 109 -0.83 -27.71 32.86
N GLY A 110 0.01 -28.01 33.85
CA GLY A 110 0.37 -29.39 34.21
C GLY A 110 1.84 -29.53 34.52
N THR A 111 2.45 -30.65 34.11
CA THR A 111 3.84 -31.02 34.43
C THR A 111 4.63 -31.34 33.17
N MET A 112 5.95 -31.45 33.34
CA MET A 112 6.90 -31.91 32.28
C MET A 112 6.42 -33.25 31.72
N GLU A 113 5.90 -34.13 32.59
CA GLU A 113 5.41 -35.48 32.20
C GLU A 113 4.18 -35.33 31.29
N ASP A 114 3.27 -34.41 31.62
CA ASP A 114 2.06 -34.10 30.79
C ASP A 114 2.52 -33.59 29.43
N PHE A 115 3.50 -32.69 29.41
CA PHE A 115 4.09 -32.17 28.15
C PHE A 115 4.68 -33.34 27.34
N GLU A 116 5.42 -34.23 27.99
CA GLU A 116 6.09 -35.38 27.30
C GLU A 116 5.01 -36.28 26.69
N GLU A 117 3.91 -36.48 27.42
CA GLU A 117 2.73 -37.28 26.98
C GLU A 117 2.07 -36.59 25.77
N LEU A 118 1.95 -35.26 25.82
CA LEU A 118 1.30 -34.47 24.74
C LEU A 118 2.10 -34.69 23.45
N LEU A 119 3.41 -34.54 23.52
CA LEU A 119 4.37 -34.74 22.40
C LEU A 119 4.24 -36.19 21.90
N ASP A 120 4.28 -37.15 22.82
CA ASP A 120 4.18 -38.60 22.49
C ASP A 120 2.90 -38.84 21.66
N LYS A 121 1.74 -38.46 22.19
CA LYS A 121 0.42 -38.78 21.58
C LYS A 121 0.23 -37.97 20.28
N ALA A 122 0.72 -36.72 20.22
CA ALA A 122 0.62 -35.88 19.00
C ALA A 122 1.42 -36.54 17.87
N HIS A 123 2.64 -36.99 18.15
CA HIS A 123 3.52 -37.63 17.14
C HIS A 123 2.92 -38.96 16.67
N GLU A 124 2.27 -39.70 17.58
CA GLU A 124 1.56 -40.97 17.25
C GLU A 124 0.43 -40.68 16.25
N LEU A 125 -0.25 -39.54 16.40
CA LEU A 125 -1.40 -39.15 15.53
C LEU A 125 -0.90 -38.44 14.26
N GLY A 126 0.42 -38.26 14.11
CA GLY A 126 1.06 -37.73 12.89
C GLY A 126 1.21 -36.22 12.93
N LEU A 127 0.93 -35.60 14.08
CA LEU A 127 0.94 -34.12 14.26
C LEU A 127 2.36 -33.65 14.58
N LYS A 128 2.67 -32.42 14.17
CA LYS A 128 3.89 -31.68 14.59
C LYS A 128 3.48 -30.72 15.72
N VAL A 129 4.38 -30.45 16.65
CA VAL A 129 4.09 -29.63 17.85
C VAL A 129 5.20 -28.60 18.00
N LEU A 130 4.82 -27.32 17.92
CA LEU A 130 5.78 -26.20 18.06
C LEU A 130 5.51 -25.51 19.39
N LEU A 131 6.59 -25.13 20.07
CA LEU A 131 6.57 -24.34 21.33
C LEU A 131 6.74 -22.86 20.99
N ASP A 132 5.94 -22.02 21.63
CA ASP A 132 6.05 -20.54 21.60
C ASP A 132 6.90 -20.13 22.81
N PHE A 133 8.02 -19.44 22.58
CA PHE A 133 8.62 -18.61 23.66
C PHE A 133 9.03 -17.26 23.07
N VAL A 134 9.11 -16.28 23.97
CA VAL A 134 9.43 -14.87 23.63
C VAL A 134 10.88 -14.65 24.08
N PRO A 135 11.82 -14.67 23.11
CA PRO A 135 13.23 -14.40 23.40
C PRO A 135 13.48 -12.98 23.93
N ASN A 136 12.58 -12.03 23.66
CA ASN A 136 12.84 -10.59 23.93
C ASN A 136 12.99 -10.34 25.43
N HIS A 137 12.24 -11.04 26.29
CA HIS A 137 12.10 -10.68 27.72
C HIS A 137 11.81 -11.88 28.62
N ALA A 138 12.14 -11.73 29.91
CA ALA A 138 11.90 -12.70 30.99
C ALA A 138 11.07 -12.02 32.08
N SER A 139 10.31 -12.82 32.82
CA SER A 139 9.61 -12.41 34.06
C SER A 139 10.63 -11.76 35.00
N ASN A 140 10.21 -10.70 35.70
CA ASN A 140 11.01 -10.11 36.81
C ASN A 140 11.09 -11.13 37.95
N GLU A 141 10.31 -12.23 37.92
CA GLU A 141 10.39 -13.34 38.92
C GLU A 141 11.27 -14.47 38.39
N SER A 142 11.95 -14.27 37.26
CA SER A 142 12.96 -15.20 36.69
C SER A 142 14.26 -15.09 37.48
N GLU A 143 14.99 -16.20 37.64
CA GLU A 143 16.32 -16.20 38.32
C GLU A 143 17.26 -15.26 37.56
N TYR A 144 17.21 -15.26 36.22
CA TYR A 144 18.01 -14.33 35.37
C TYR A 144 17.91 -12.92 35.97
N PHE A 145 16.70 -12.43 36.19
CA PHE A 145 16.43 -11.03 36.61
C PHE A 145 16.97 -10.81 38.04
N ILE A 146 16.47 -11.59 39.00
CA ILE A 146 16.89 -11.51 40.44
C ILE A 146 18.42 -11.43 40.50
N LYS A 147 19.13 -12.32 39.79
CA LYS A 147 20.62 -12.37 39.76
C LYS A 147 21.18 -11.10 39.12
N SER A 148 20.61 -10.68 37.98
CA SER A 148 21.05 -9.46 37.25
C SER A 148 20.87 -8.23 38.16
N GLU A 149 19.72 -8.13 38.82
CA GLU A 149 19.36 -6.96 39.65
C GLU A 149 20.36 -6.88 40.84
N ALA A 150 20.73 -8.03 41.41
CA ALA A 150 21.69 -8.15 42.54
C ALA A 150 23.14 -8.10 42.04
N ARG A 151 23.34 -7.87 40.73
CA ARG A 151 24.64 -7.63 40.07
C ARG A 151 25.53 -8.88 40.16
N GLU A 152 24.92 -10.05 40.34
CA GLU A 152 25.61 -11.36 40.46
C GLU A 152 26.52 -11.53 39.25
N PRO A 153 27.77 -12.01 39.41
CA PRO A 153 28.73 -12.04 38.29
C PRO A 153 28.21 -12.86 37.11
N GLY A 154 28.47 -12.39 35.88
CA GLY A 154 28.04 -13.04 34.62
C GLY A 154 26.58 -12.77 34.28
N TYR A 155 25.84 -12.11 35.18
CA TYR A 155 24.40 -11.78 35.03
C TYR A 155 24.17 -10.26 35.03
N GLU A 156 25.20 -9.47 35.34
CA GLU A 156 25.08 -8.00 35.52
C GLU A 156 24.43 -7.39 34.27
N ASN A 157 24.85 -7.82 33.09
CA ASN A 157 24.47 -7.23 31.78
C ASN A 157 23.47 -8.16 31.05
N PHE A 158 22.69 -8.96 31.78
CA PHE A 158 21.71 -9.90 31.17
C PHE A 158 20.52 -9.09 30.62
N PHE A 159 20.22 -7.97 31.28
CA PHE A 159 19.10 -7.05 30.95
C PHE A 159 19.68 -5.65 30.70
N ILE A 160 18.87 -4.75 30.13
CA ILE A 160 19.30 -3.37 29.77
C ILE A 160 19.13 -2.50 31.03
N TRP A 161 20.26 -2.06 31.61
CA TRP A 161 20.33 -1.27 32.87
C TRP A 161 20.95 0.10 32.56
N ALA A 162 20.28 1.18 32.93
CA ALA A 162 20.70 2.56 32.59
C ALA A 162 20.49 3.47 33.80
N ASP A 163 21.29 4.53 33.87
CA ASP A 163 21.25 5.50 35.00
C ASP A 163 20.11 6.49 34.77
N PRO A 164 19.57 7.09 35.84
CA PRO A 164 18.58 8.15 35.70
C PRO A 164 19.20 9.44 35.15
N LEU A 165 18.36 10.33 34.61
CA LEU A 165 18.75 11.70 34.22
C LEU A 165 18.28 12.66 35.30
N PRO A 166 19.01 13.77 35.54
CA PRO A 166 18.53 14.79 36.47
C PRO A 166 17.28 15.47 35.91
N ASN A 167 16.52 16.15 36.79
CA ASN A 167 15.20 16.73 36.45
C ASN A 167 15.28 18.25 36.60
N PRO A 168 15.20 19.01 35.48
CA PRO A 168 15.12 20.47 35.53
C PRO A 168 13.95 21.02 36.37
N GLU A 169 12.75 20.44 36.21
CA GLU A 169 11.49 20.90 36.85
C GLU A 169 11.54 20.70 38.38
N ASN A 170 11.98 19.53 38.83
CA ASN A 170 12.07 19.18 40.28
C ASN A 170 13.24 18.21 40.46
N PRO A 171 14.42 18.70 40.91
CA PRO A 171 15.63 17.87 41.04
C PRO A 171 15.50 16.54 41.79
N GLY A 172 14.54 16.44 42.71
CA GLY A 172 14.32 15.23 43.52
C GLY A 172 13.72 14.10 42.72
N VAL A 173 13.03 14.41 41.62
CA VAL A 173 12.25 13.45 40.79
C VAL A 173 13.16 12.95 39.67
N ARG A 174 13.63 11.71 39.75
CA ARG A 174 14.51 11.11 38.71
C ARG A 174 13.70 11.07 37.41
N LEU A 175 14.37 11.33 36.29
CA LEU A 175 13.81 11.10 34.93
C LEU A 175 14.46 9.84 34.36
N PRO A 176 13.74 9.07 33.53
CA PRO A 176 14.31 7.85 32.96
C PRO A 176 15.38 8.16 31.92
N PRO A 177 16.15 7.15 31.46
CA PRO A 177 17.22 7.38 30.50
C PRO A 177 16.75 7.96 29.15
N SER A 178 15.49 7.71 28.77
CA SER A 178 14.92 8.23 27.50
C SER A 178 13.40 8.22 27.56
N ASN A 179 12.77 8.80 26.54
CA ASN A 179 11.29 9.00 26.44
C ASN A 179 10.61 7.71 25.96
N TRP A 180 11.33 6.58 25.88
CA TRP A 180 10.78 5.35 25.27
C TRP A 180 9.49 4.92 25.97
N VAL A 181 8.51 4.51 25.17
CA VAL A 181 7.14 4.17 25.63
C VAL A 181 6.94 2.66 25.49
N SER A 182 6.40 2.04 26.54
CA SER A 182 6.07 0.59 26.61
C SER A 182 4.87 0.30 25.70
N GLN A 183 4.90 -0.86 25.03
CA GLN A 183 3.77 -1.38 24.22
C GLN A 183 2.49 -1.45 25.07
N PHE A 184 2.61 -1.55 26.40
CA PHE A 184 1.44 -1.63 27.31
C PHE A 184 1.20 -0.29 28.02
N GLY A 185 1.77 0.81 27.50
CA GLY A 185 1.60 2.16 28.05
C GLY A 185 2.59 2.48 29.15
N GLY A 186 2.84 3.76 29.36
CA GLY A 186 3.81 4.27 30.34
C GLY A 186 5.24 4.14 29.83
N SER A 187 6.20 4.59 30.62
CA SER A 187 7.64 4.55 30.30
C SER A 187 8.06 3.09 30.09
N ALA A 188 9.00 2.86 29.16
CA ALA A 188 9.64 1.54 28.94
C ALA A 188 10.77 1.34 29.97
N TRP A 189 10.91 2.27 30.93
CA TRP A 189 11.96 2.20 31.96
C TRP A 189 11.32 2.10 33.34
N GLU A 190 11.72 1.10 34.13
CA GLU A 190 11.24 0.88 35.52
C GLU A 190 12.42 0.97 36.48
N TRP A 191 12.27 1.74 37.55
CA TRP A 191 13.33 1.95 38.57
C TRP A 191 13.41 0.69 39.43
N SER A 192 14.63 0.19 39.64
CA SER A 192 14.97 -0.87 40.62
C SER A 192 15.55 -0.21 41.88
N GLU A 193 14.84 -0.28 43.00
CA GLU A 193 15.32 0.21 44.31
C GLU A 193 16.55 -0.61 44.72
N LYS A 194 16.51 -1.92 44.48
CA LYS A 194 17.62 -2.86 44.79
C LYS A 194 18.89 -2.46 44.04
N ARG A 195 18.83 -2.18 42.73
CA ARG A 195 20.04 -1.98 41.88
C ARG A 195 20.37 -0.49 41.69
N GLN A 196 19.46 0.43 41.99
CA GLN A 196 19.66 1.90 41.83
C GLN A 196 19.93 2.21 40.34
N GLN A 197 19.20 1.53 39.45
CA GLN A 197 19.22 1.83 38.00
C GLN A 197 17.84 1.50 37.46
N TYR A 198 17.52 2.03 36.28
CA TYR A 198 16.32 1.64 35.49
C TYR A 198 16.63 0.36 34.72
N TYR A 199 15.64 -0.53 34.57
CA TYR A 199 15.70 -1.62 33.56
C TYR A 199 14.67 -1.31 32.46
N LEU A 200 14.96 -1.80 31.26
CA LEU A 200 14.09 -1.60 30.06
C LEU A 200 13.01 -2.69 30.04
N HIS A 201 11.75 -2.29 29.82
CA HIS A 201 10.63 -3.22 29.52
C HIS A 201 9.82 -2.64 28.36
N GLN A 202 9.95 -3.22 27.16
CA GLN A 202 9.13 -2.80 26.00
C GLN A 202 7.68 -3.24 26.23
N PHE A 203 7.46 -4.28 27.03
CA PHE A 203 6.11 -4.76 27.37
C PHE A 203 5.83 -4.42 28.84
N ALA A 204 5.32 -5.35 29.62
CA ALA A 204 4.90 -5.09 31.01
C ALA A 204 6.12 -4.73 31.85
N ILE A 205 5.89 -3.96 32.92
CA ILE A 205 6.90 -3.73 33.98
C ILE A 205 7.55 -5.08 34.34
N GLN A 206 6.75 -6.15 34.41
CA GLN A 206 7.20 -7.50 34.84
C GLN A 206 7.95 -8.25 33.72
N GLN A 207 7.99 -7.71 32.50
CA GLN A 207 8.68 -8.32 31.34
C GLN A 207 9.95 -7.53 31.01
N VAL A 208 11.11 -8.09 31.36
CA VAL A 208 12.42 -7.38 31.38
C VAL A 208 13.17 -7.78 30.11
N ASP A 209 13.51 -6.79 29.29
CA ASP A 209 14.22 -6.95 28.00
C ASP A 209 15.64 -7.47 28.22
N PHE A 210 15.97 -8.63 27.67
CA PHE A 210 17.35 -9.16 27.62
C PHE A 210 18.23 -8.23 26.80
N ASP A 211 19.51 -8.15 27.15
CA ASP A 211 20.51 -7.46 26.30
C ASP A 211 21.00 -8.46 25.25
N PHE A 212 20.56 -8.29 23.99
CA PHE A 212 20.90 -9.21 22.87
C PHE A 212 22.26 -8.87 22.25
N ARG A 213 22.99 -7.89 22.79
CA ARG A 213 24.42 -7.64 22.46
C ARG A 213 25.32 -8.41 23.43
N ASN A 214 24.73 -9.04 24.47
CA ASN A 214 25.42 -9.86 25.48
C ASN A 214 25.55 -11.29 24.94
N PRO A 215 26.78 -11.78 24.65
CA PRO A 215 26.94 -13.14 24.13
C PRO A 215 26.34 -14.22 25.04
N ALA A 216 26.35 -14.00 26.37
CA ALA A 216 25.79 -14.92 27.40
C ALA A 216 24.26 -15.04 27.25
N VAL A 217 23.57 -13.95 26.93
CA VAL A 217 22.11 -13.94 26.63
C VAL A 217 21.87 -14.79 25.38
N LYS A 218 22.65 -14.56 24.33
CA LYS A 218 22.49 -15.26 23.02
C LYS A 218 22.75 -16.74 23.24
N GLN A 219 23.77 -17.11 24.02
CA GLN A 219 24.04 -18.53 24.38
C GLN A 219 22.82 -19.12 25.08
N GLU A 220 22.22 -18.40 26.04
CA GLU A 220 21.10 -18.91 26.88
C GLU A 220 19.90 -19.26 25.99
N MET A 221 19.67 -18.52 24.91
CA MET A 221 18.57 -18.79 23.94
C MET A 221 18.84 -20.14 23.25
N PHE A 222 20.09 -20.41 22.86
CA PHE A 222 20.50 -21.69 22.22
C PHE A 222 20.30 -22.83 23.21
N ASN A 223 20.62 -22.59 24.49
CA ASN A 223 20.44 -23.57 25.59
C ASN A 223 18.94 -23.89 25.72
N ILE A 224 18.07 -22.89 25.69
CA ILE A 224 16.60 -23.09 25.84
C ILE A 224 16.09 -23.90 24.64
N MET A 225 16.49 -23.52 23.43
CA MET A 225 16.01 -24.21 22.20
C MET A 225 16.50 -25.66 22.20
N LYS A 226 17.79 -25.87 22.48
CA LYS A 226 18.44 -27.22 22.52
C LYS A 226 17.64 -28.12 23.48
N PHE A 227 17.29 -27.61 24.66
CA PHE A 227 16.56 -28.35 25.73
C PHE A 227 15.24 -28.89 25.19
N TRP A 228 14.43 -28.03 24.54
CA TRP A 228 13.06 -28.38 24.12
C TRP A 228 13.09 -29.22 22.82
N LEU A 229 14.05 -28.96 21.93
CA LEU A 229 14.30 -29.80 20.73
C LEU A 229 14.74 -31.20 21.17
N ASP A 230 15.57 -31.29 22.23
CA ASP A 230 15.96 -32.59 22.83
C ASP A 230 14.71 -33.33 23.35
N LYS A 231 13.72 -32.60 23.89
CA LYS A 231 12.45 -33.19 24.40
C LYS A 231 11.61 -33.78 23.26
N GLY A 232 11.82 -33.30 22.03
CA GLY A 232 11.17 -33.81 20.81
C GLY A 232 10.29 -32.78 20.11
N ALA A 233 10.32 -31.52 20.55
CA ALA A 233 9.55 -30.42 19.91
C ALA A 233 9.94 -30.33 18.44
N ASP A 234 8.97 -30.05 17.56
CA ASP A 234 9.18 -29.98 16.09
C ASP A 234 9.60 -28.57 15.67
N GLY A 235 9.73 -27.66 16.63
CA GLY A 235 10.29 -26.31 16.37
C GLY A 235 9.66 -25.27 17.27
N PHE A 236 9.83 -24.01 16.91
CA PHE A 236 9.46 -22.87 17.76
C PHE A 236 8.73 -21.80 16.95
N ARG A 237 7.80 -21.14 17.64
CA ARG A 237 7.20 -19.84 17.28
C ARG A 237 7.95 -18.82 18.14
N LEU A 238 8.60 -17.81 17.55
CA LEU A 238 9.42 -16.85 18.33
C LEU A 238 8.80 -15.46 18.25
N ASP A 239 8.43 -14.93 19.41
CA ASP A 239 7.53 -13.77 19.66
C ASP A 239 8.36 -12.48 19.74
N ALA A 240 7.74 -11.36 19.33
CA ALA A 240 8.14 -9.99 19.72
C ALA A 240 9.54 -9.65 19.18
N LEU A 241 9.94 -10.26 18.06
CA LEU A 241 11.31 -10.11 17.50
C LEU A 241 11.61 -8.67 17.09
N PRO A 242 10.65 -7.85 16.58
CA PRO A 242 10.97 -6.48 16.21
C PRO A 242 11.61 -5.68 17.36
N TYR A 243 11.41 -6.14 18.61
CA TYR A 243 11.80 -5.38 19.81
C TYR A 243 13.11 -5.92 20.40
N LEU A 244 13.76 -6.89 19.74
CA LEU A 244 14.96 -7.54 20.36
C LEU A 244 15.95 -6.46 20.77
N ILE A 245 16.36 -5.60 19.83
CA ILE A 245 17.55 -4.71 19.98
C ILE A 245 17.12 -3.24 19.91
N GLU A 246 17.72 -2.43 20.79
CA GLU A 246 17.52 -0.96 20.83
C GLU A 246 18.89 -0.28 20.62
N ALA A 247 18.86 1.02 20.37
CA ALA A 247 20.06 1.85 20.12
C ALA A 247 21.10 1.56 21.22
N ASP A 248 22.36 1.39 20.83
CA ASP A 248 23.50 1.23 21.79
C ASP A 248 23.87 2.63 22.27
N PRO A 249 23.86 2.91 23.59
CA PRO A 249 24.29 4.22 24.08
C PRO A 249 25.72 4.58 23.60
N ALA A 250 26.54 3.57 23.31
CA ALA A 250 27.92 3.72 22.78
C ALA A 250 27.91 4.53 21.47
N ASP A 251 26.79 4.51 20.73
CA ASP A 251 26.64 5.21 19.42
C ASP A 251 25.98 6.58 19.61
N HIS A 252 25.68 6.96 20.85
CA HIS A 252 24.94 8.22 21.19
C HIS A 252 25.62 8.89 22.38
N GLU A 253 26.95 8.81 22.44
CA GLU A 253 27.81 9.48 23.45
C GLU A 253 27.35 9.07 24.86
N GLY A 254 27.03 7.78 25.05
CA GLY A 254 26.80 7.15 26.36
C GLY A 254 25.38 7.32 26.90
N ARG A 255 24.44 7.85 26.11
CA ARG A 255 23.04 8.06 26.52
C ARG A 255 22.11 7.22 25.64
N TYR A 256 20.92 6.92 26.14
CA TYR A 256 19.85 6.25 25.35
C TYR A 256 19.11 7.35 24.60
N PRO A 257 19.17 7.39 23.25
CA PRO A 257 18.58 8.50 22.50
C PRO A 257 17.04 8.42 22.54
N ASP A 258 16.41 9.56 22.73
CA ASP A 258 14.93 9.69 22.72
C ASP A 258 14.45 9.20 21.34
N ASP A 259 13.39 8.41 21.32
CA ASP A 259 12.66 8.13 20.07
C ASP A 259 12.08 9.45 19.59
N PRO A 260 12.01 9.68 18.26
CA PRO A 260 11.32 10.85 17.72
C PRO A 260 9.86 10.93 18.22
N LEU A 261 9.32 12.14 18.31
CA LEU A 261 7.89 12.32 18.67
C LEU A 261 7.03 12.14 17.41
N SER A 262 5.86 11.54 17.56
CA SER A 262 4.84 11.44 16.49
C SER A 262 4.26 12.84 16.19
N GLY A 263 4.25 13.72 17.19
CA GLY A 263 3.67 15.07 17.09
C GLY A 263 2.15 15.00 16.91
N LEU A 264 1.53 13.91 17.36
CA LEU A 264 0.07 13.69 17.33
C LEU A 264 -0.53 14.13 18.68
N THR A 265 -1.38 15.16 18.69
CA THR A 265 -1.89 15.81 19.91
C THR A 265 -2.77 14.84 20.71
N GLN A 266 -3.29 13.77 20.11
CA GLN A 266 -4.16 12.79 20.83
C GLN A 266 -3.34 11.90 21.77
N PHE A 267 -1.99 11.89 21.67
CA PHE A 267 -1.12 11.06 22.56
C PHE A 267 -0.32 11.95 23.51
N GLU A 268 -0.48 11.68 24.80
CA GLU A 268 0.36 12.21 25.91
C GLU A 268 1.61 11.32 26.05
N SER A 269 2.60 11.82 26.80
CA SER A 269 3.98 11.27 26.87
C SER A 269 3.98 9.83 27.40
N HIS A 270 2.92 9.40 28.09
CA HIS A 270 2.81 8.05 28.72
C HIS A 270 2.03 7.09 27.79
N GLN A 271 1.60 7.54 26.63
CA GLN A 271 0.66 6.75 25.78
C GLN A 271 1.38 6.24 24.53
N LEU A 272 1.18 4.96 24.22
CA LEU A 272 1.70 4.35 22.97
C LEU A 272 1.16 5.19 21.81
N GLY A 273 2.04 5.63 20.91
CA GLY A 273 1.70 6.53 19.79
C GLY A 273 2.42 7.87 19.91
N TYR A 274 2.87 8.23 21.11
CA TYR A 274 3.58 9.50 21.41
C TYR A 274 4.93 9.53 20.68
N THR A 275 5.56 8.36 20.54
CA THR A 275 6.88 8.20 19.89
C THR A 275 6.74 7.41 18.60
N ILE A 276 7.71 7.60 17.71
CA ILE A 276 8.01 6.70 16.56
C ILE A 276 9.20 5.86 16.98
N PRO A 277 9.09 4.52 17.01
CA PRO A 277 10.14 3.68 17.61
C PRO A 277 11.39 3.50 16.74
N LEU A 278 12.02 4.61 16.35
CA LEU A 278 13.24 4.59 15.50
C LEU A 278 14.36 3.81 16.18
N TYR A 279 14.60 4.03 17.46
CA TYR A 279 15.75 3.46 18.20
C TYR A 279 15.33 2.22 19.00
N THR A 280 14.07 1.78 18.89
CA THR A 280 13.54 0.74 19.81
C THR A 280 12.89 -0.44 19.04
N LYS A 281 12.83 -0.39 17.72
CA LYS A 281 12.09 -1.42 16.94
C LYS A 281 12.71 -1.57 15.55
N ASP A 282 12.80 -2.80 15.05
CA ASP A 282 13.20 -3.12 13.67
C ASP A 282 14.66 -2.74 13.44
N LEU A 283 15.50 -2.70 14.48
CA LEU A 283 16.95 -2.43 14.25
C LEU A 283 17.52 -3.57 13.42
N ILE A 284 18.34 -3.25 12.41
CA ILE A 284 18.88 -4.24 11.43
C ILE A 284 19.62 -5.36 12.20
N GLU A 285 20.19 -5.05 13.37
CA GLU A 285 20.97 -6.03 14.17
C GLU A 285 20.06 -7.17 14.66
N LEU A 286 18.76 -6.93 14.87
CA LEU A 286 17.85 -8.01 15.36
C LEU A 286 17.90 -9.19 14.38
N TYR A 287 18.01 -8.94 13.08
CA TYR A 287 17.93 -10.04 12.08
C TYR A 287 19.15 -10.95 12.19
N ASP A 288 20.31 -10.41 12.57
CA ASP A 288 21.54 -11.24 12.69
C ASP A 288 21.29 -12.31 13.77
N VAL A 289 20.58 -11.96 14.86
CA VAL A 289 20.21 -12.91 15.95
C VAL A 289 19.37 -14.04 15.35
N VAL A 290 18.40 -13.67 14.51
CA VAL A 290 17.45 -14.63 13.87
C VAL A 290 18.23 -15.55 12.94
N TYR A 291 19.14 -14.99 12.14
CA TYR A 291 19.98 -15.78 11.21
C TYR A 291 20.84 -16.78 12.01
N GLU A 292 21.35 -16.36 13.17
CA GLU A 292 22.13 -17.24 14.08
C GLU A 292 21.24 -18.37 14.60
N TRP A 293 19.98 -18.08 14.97
CA TRP A 293 19.03 -19.12 15.43
C TRP A 293 18.83 -20.16 14.34
N ARG A 294 18.66 -19.71 13.10
CA ARG A 294 18.42 -20.63 11.94
C ARG A 294 19.68 -21.47 11.71
N GLU A 295 20.86 -20.88 11.89
CA GLU A 295 22.16 -21.59 11.73
C GLU A 295 22.21 -22.73 12.74
N PHE A 296 21.88 -22.45 14.00
CA PHE A 296 21.75 -23.42 15.12
C PHE A 296 20.76 -24.54 14.77
N LEU A 297 19.58 -24.18 14.26
CA LEU A 297 18.51 -25.16 13.94
C LEU A 297 18.93 -26.03 12.74
N ASP A 298 19.56 -25.44 11.73
CA ASP A 298 20.07 -26.16 10.54
C ASP A 298 21.06 -27.22 11.01
N GLU A 299 22.01 -26.84 11.87
CA GLU A 299 23.01 -27.74 12.49
C GLU A 299 22.28 -28.88 13.20
N TYR A 300 21.32 -28.53 14.07
CA TYR A 300 20.53 -29.49 14.88
C TYR A 300 19.85 -30.49 13.94
N ASN A 301 19.15 -30.00 12.90
CA ASN A 301 18.45 -30.83 11.89
C ASN A 301 19.45 -31.74 11.17
N LYS A 302 20.65 -31.24 10.88
CA LYS A 302 21.71 -32.05 10.21
C LYS A 302 22.17 -33.18 11.14
N ASN A 303 22.38 -32.87 12.43
CA ASN A 303 22.99 -33.78 13.44
C ASN A 303 22.00 -34.80 14.00
N HIS A 304 20.70 -34.53 13.95
CA HIS A 304 19.64 -35.37 14.58
C HIS A 304 18.79 -36.09 13.52
N GLY A 305 18.77 -35.56 12.30
CA GLY A 305 17.94 -36.08 11.19
C GLY A 305 16.46 -36.09 11.56
N GLY A 306 15.71 -37.04 11.01
CA GLY A 306 14.25 -37.11 11.13
C GLY A 306 13.60 -35.91 10.46
N ASP A 307 12.38 -35.56 10.86
CA ASP A 307 11.58 -34.49 10.23
C ASP A 307 12.15 -33.12 10.61
N THR A 308 12.16 -32.20 9.63
CA THR A 308 12.73 -30.84 9.76
C THR A 308 12.11 -30.16 10.98
N ARG A 309 12.93 -29.63 11.87
CA ARG A 309 12.48 -28.77 12.99
C ARG A 309 12.57 -27.33 12.48
N VAL A 310 11.55 -26.52 12.75
CA VAL A 310 11.35 -25.22 12.06
C VAL A 310 11.31 -24.09 13.09
N VAL A 311 11.54 -22.87 12.62
CA VAL A 311 11.26 -21.65 13.40
C VAL A 311 10.36 -20.76 12.54
N PHE A 312 9.20 -20.43 13.07
CA PHE A 312 8.28 -19.41 12.51
C PHE A 312 8.36 -18.18 13.43
N SER A 313 8.65 -17.01 12.86
CA SER A 313 8.86 -15.77 13.65
C SER A 313 7.58 -14.95 13.68
N GLN A 314 7.32 -14.28 14.79
CA GLN A 314 6.27 -13.24 14.90
C GLN A 314 6.94 -11.86 15.00
N GLY A 315 6.48 -10.94 14.15
CA GLY A 315 6.80 -9.50 14.21
C GLY A 315 5.78 -8.74 13.40
N TYR A 316 5.17 -7.72 14.00
CA TYR A 316 4.32 -6.74 13.29
C TYR A 316 5.27 -5.62 12.86
N ALA A 317 5.44 -5.47 11.54
CA ALA A 317 6.39 -4.53 10.91
C ALA A 317 5.92 -4.29 9.49
N ASN A 318 6.47 -3.29 8.81
CA ASN A 318 6.16 -3.03 7.39
C ASN A 318 6.65 -4.24 6.60
N VAL A 319 6.19 -4.39 5.36
CA VAL A 319 6.40 -5.63 4.57
C VAL A 319 7.91 -5.82 4.34
N SER A 320 8.68 -4.77 4.04
CA SER A 320 10.12 -4.93 3.73
C SER A 320 10.90 -5.40 4.98
N MET A 321 10.62 -4.84 6.16
CA MET A 321 11.23 -5.29 7.43
C MET A 321 10.73 -6.70 7.79
N THR A 322 9.50 -7.06 7.42
CA THR A 322 8.97 -8.43 7.65
C THR A 322 9.71 -9.42 6.77
N MET A 323 10.05 -9.07 5.53
CA MET A 323 10.69 -10.01 4.59
C MET A 323 12.12 -10.32 5.05
N LEU A 324 12.75 -9.43 5.82
CA LEU A 324 14.12 -9.68 6.32
C LEU A 324 14.13 -10.86 7.29
N TYR A 325 12.98 -11.25 7.85
CA TYR A 325 12.91 -12.47 8.72
C TYR A 325 13.17 -13.75 7.92
N TYR A 326 12.82 -13.81 6.64
CA TYR A 326 13.12 -14.96 5.76
C TYR A 326 14.63 -15.09 5.56
N GLY A 327 15.32 -13.97 5.50
CA GLY A 327 16.75 -13.88 5.13
C GLY A 327 17.03 -12.58 4.44
N ASN A 328 18.18 -12.45 3.77
CA ASN A 328 18.47 -11.19 3.04
C ASN A 328 19.20 -11.54 1.74
N GLU A 329 19.39 -10.54 0.89
CA GLU A 329 19.96 -10.66 -0.49
C GLU A 329 21.47 -10.97 -0.42
N ASP A 330 22.10 -10.75 0.74
CA ASP A 330 23.52 -11.13 0.97
C ASP A 330 23.60 -12.64 1.20
N GLY A 331 22.47 -13.33 1.34
CA GLY A 331 22.38 -14.81 1.42
C GLY A 331 22.07 -15.31 2.82
N ALA A 332 21.85 -14.42 3.79
CA ALA A 332 21.42 -14.80 5.15
C ALA A 332 20.11 -15.57 5.02
N ILE A 333 19.96 -16.63 5.83
CA ILE A 333 18.72 -17.45 5.92
C ILE A 333 18.19 -17.31 7.34
N GLY A 334 16.91 -16.95 7.46
CA GLY A 334 16.26 -16.70 8.75
C GLY A 334 15.19 -17.74 9.05
N ALA A 335 14.06 -17.27 9.58
CA ALA A 335 12.89 -18.07 9.92
C ALA A 335 12.42 -18.83 8.67
N HIS A 336 11.97 -20.07 8.83
CA HIS A 336 11.30 -20.84 7.75
C HIS A 336 10.20 -19.96 7.15
N PHE A 337 9.48 -19.21 7.98
CA PHE A 337 8.77 -18.00 7.50
C PHE A 337 8.43 -17.11 8.68
N PRO A 338 8.38 -15.78 8.44
CA PRO A 338 7.71 -14.87 9.34
C PRO A 338 6.21 -14.98 9.02
N PHE A 339 5.40 -14.83 10.05
CA PHE A 339 3.93 -14.82 9.93
C PHE A 339 3.49 -13.58 9.13
N ASN A 340 2.51 -13.83 8.27
CA ASN A 340 1.82 -12.83 7.45
C ASN A 340 0.54 -12.40 8.18
N PHE A 341 0.53 -11.21 8.77
CA PHE A 341 -0.64 -10.71 9.53
C PHE A 341 -1.55 -9.83 8.69
N ASP A 342 -1.45 -9.85 7.36
CA ASP A 342 -2.14 -8.87 6.49
C ASP A 342 -3.66 -8.97 6.66
N PHE A 343 -4.21 -10.17 6.86
CA PHE A 343 -5.67 -10.33 7.07
C PHE A 343 -6.10 -9.77 8.44
N ILE A 344 -5.16 -9.48 9.35
CA ILE A 344 -5.45 -8.80 10.65
C ILE A 344 -5.29 -7.30 10.48
N THR A 345 -4.17 -6.86 9.88
CA THR A 345 -3.72 -5.45 9.89
C THR A 345 -4.34 -4.64 8.75
N ASP A 346 -4.59 -5.24 7.58
CA ASP A 346 -4.88 -4.45 6.36
C ASP A 346 -6.22 -4.79 5.73
N LEU A 347 -6.93 -5.81 6.21
CA LEU A 347 -8.27 -6.14 5.69
C LEU A 347 -9.25 -6.23 6.86
N SER A 348 -10.51 -5.92 6.56
CA SER A 348 -11.61 -5.93 7.55
C SER A 348 -12.93 -5.92 6.79
N SER A 349 -14.03 -5.88 7.54
CA SER A 349 -15.38 -5.63 6.99
C SER A 349 -15.42 -4.32 6.19
N LYS A 350 -14.46 -3.40 6.37
CA LYS A 350 -14.38 -2.14 5.59
C LYS A 350 -13.79 -2.40 4.19
N SER A 351 -13.20 -3.58 3.95
CA SER A 351 -12.44 -3.90 2.72
C SER A 351 -13.39 -4.33 1.60
N ASN A 352 -13.08 -3.94 0.36
CA ASN A 352 -13.82 -4.42 -0.83
C ASN A 352 -12.98 -5.51 -1.54
N ALA A 353 -13.50 -6.08 -2.62
CA ALA A 353 -12.87 -7.21 -3.32
C ALA A 353 -11.50 -6.79 -3.87
N ARG A 354 -11.37 -5.54 -4.31
CA ARG A 354 -10.11 -5.03 -4.90
C ARG A 354 -9.08 -4.94 -3.79
N ASP A 355 -9.49 -4.51 -2.59
CA ASP A 355 -8.63 -4.47 -1.39
C ASP A 355 -8.15 -5.88 -1.07
N PHE A 356 -9.05 -6.86 -1.07
CA PHE A 356 -8.66 -8.27 -0.79
C PHE A 356 -7.55 -8.68 -1.75
N VAL A 357 -7.79 -8.47 -3.04
CA VAL A 357 -6.83 -8.89 -4.09
C VAL A 357 -5.50 -8.14 -3.86
N TYR A 358 -5.56 -6.82 -3.68
CA TYR A 358 -4.33 -6.01 -3.58
C TYR A 358 -3.53 -6.41 -2.33
N ILE A 359 -4.20 -6.71 -1.22
CA ILE A 359 -3.49 -7.11 0.03
C ILE A 359 -2.94 -8.53 -0.13
N ILE A 360 -3.69 -9.45 -0.72
CA ILE A 360 -3.17 -10.83 -0.95
C ILE A 360 -1.90 -10.74 -1.80
N LEU A 361 -1.88 -9.85 -2.79
CA LEU A 361 -0.71 -9.70 -3.70
C LEU A 361 0.52 -9.20 -2.94
N ARG A 362 0.36 -8.58 -1.78
CA ARG A 362 1.50 -7.93 -1.12
C ARG A 362 2.52 -8.99 -0.70
N TRP A 363 2.11 -10.00 0.06
CA TRP A 363 3.06 -11.05 0.47
C TRP A 363 3.66 -11.72 -0.78
N LEU A 364 2.82 -12.01 -1.78
CA LEU A 364 3.26 -12.79 -2.96
C LEU A 364 4.22 -11.96 -3.81
N THR A 365 4.13 -10.63 -3.75
CA THR A 365 5.00 -9.69 -4.50
C THR A 365 6.33 -9.52 -3.76
N TYR A 366 6.31 -9.45 -2.43
CA TYR A 366 7.50 -9.09 -1.62
C TYR A 366 8.28 -10.33 -1.19
N MET A 367 7.66 -11.50 -1.16
CA MET A 367 8.32 -12.70 -0.60
C MET A 367 9.54 -13.08 -1.44
N PRO A 368 10.67 -13.50 -0.83
CA PRO A 368 11.83 -13.93 -1.60
C PRO A 368 11.50 -15.16 -2.45
N TYR A 369 12.16 -15.30 -3.59
CA TYR A 369 12.07 -16.51 -4.45
C TYR A 369 12.36 -17.73 -3.58
N GLY A 370 11.50 -18.74 -3.65
CA GLY A 370 11.62 -20.00 -2.89
C GLY A 370 10.96 -19.91 -1.52
N GLY A 371 10.55 -18.70 -1.10
CA GLY A 371 9.90 -18.49 0.20
C GLY A 371 8.56 -19.20 0.27
N ILE A 372 8.16 -19.62 1.46
CA ILE A 372 6.84 -20.25 1.68
C ILE A 372 5.87 -19.17 2.13
N PRO A 373 4.77 -18.94 1.40
CA PRO A 373 3.75 -17.98 1.84
C PRO A 373 2.98 -18.62 2.98
N ASN A 374 2.47 -17.78 3.88
CA ASN A 374 1.55 -18.24 4.95
C ASN A 374 0.47 -17.17 5.08
N TRP A 375 -0.66 -17.53 5.71
CA TRP A 375 -1.85 -16.65 5.82
C TRP A 375 -2.41 -16.79 7.24
N VAL A 376 -2.45 -15.68 7.99
CA VAL A 376 -2.94 -15.63 9.39
C VAL A 376 -4.21 -14.76 9.42
N PHE A 377 -5.28 -15.30 10.00
CA PHE A 377 -6.62 -14.65 10.05
C PHE A 377 -6.96 -14.25 11.48
N GLY A 378 -6.16 -14.70 12.45
CA GLY A 378 -6.40 -14.31 13.84
C GLY A 378 -5.28 -14.80 14.73
N ASN A 379 -5.30 -14.36 15.97
CA ASN A 379 -4.46 -14.88 17.05
C ASN A 379 -5.02 -14.33 18.36
N HIS A 380 -4.38 -14.67 19.47
CA HIS A 380 -4.79 -14.29 20.84
C HIS A 380 -4.57 -12.80 21.13
N ASP A 381 -4.02 -12.02 20.17
CA ASP A 381 -3.73 -10.57 20.37
C ASP A 381 -4.74 -9.71 19.61
N ASN A 382 -5.63 -10.33 18.82
CA ASN A 382 -6.50 -9.56 17.91
C ASN A 382 -7.91 -10.11 17.99
N ASN A 383 -8.87 -9.30 17.58
CA ASN A 383 -10.30 -9.68 17.57
C ASN A 383 -10.44 -10.88 16.65
N ARG A 384 -11.40 -11.75 16.94
CA ARG A 384 -11.63 -12.97 16.15
C ARG A 384 -12.02 -12.61 14.72
N MET A 385 -11.65 -13.49 13.81
CA MET A 385 -11.88 -13.37 12.36
C MET A 385 -13.31 -12.92 12.06
N PRO A 386 -14.38 -13.58 12.56
CA PRO A 386 -15.75 -13.20 12.19
C PRO A 386 -16.17 -11.82 12.73
N THR A 387 -15.53 -11.36 13.81
CA THR A 387 -15.80 -10.03 14.42
C THR A 387 -15.11 -8.93 13.60
N ARG A 388 -13.88 -9.18 13.16
CA ARG A 388 -13.10 -8.19 12.36
C ARG A 388 -13.73 -8.05 10.97
N PHE A 389 -14.19 -9.17 10.41
CA PHE A 389 -14.93 -9.24 9.14
C PHE A 389 -16.42 -9.23 9.45
N ARG A 390 -17.17 -10.25 8.98
CA ARG A 390 -18.61 -10.42 9.28
C ARG A 390 -18.89 -11.91 9.51
N HIS A 391 -19.95 -12.21 10.27
CA HIS A 391 -20.40 -13.60 10.54
C HIS A 391 -20.64 -14.36 9.22
N ASP A 392 -21.11 -13.68 8.15
CA ASP A 392 -21.47 -14.33 6.88
C ASP A 392 -20.23 -14.48 5.99
N MET A 393 -19.04 -14.12 6.48
CA MET A 393 -17.79 -14.20 5.67
C MET A 393 -16.89 -15.34 6.14
N VAL A 394 -17.25 -16.06 7.21
CA VAL A 394 -16.39 -17.09 7.85
C VAL A 394 -15.96 -18.13 6.81
N ASP A 395 -16.87 -18.68 6.02
CA ASP A 395 -16.52 -19.76 5.05
C ASP A 395 -15.56 -19.18 3.98
N GLY A 396 -15.88 -18.04 3.38
CA GLY A 396 -15.01 -17.40 2.38
C GLY A 396 -13.61 -17.21 2.91
N LEU A 397 -13.48 -16.71 4.14
CA LEU A 397 -12.17 -16.41 4.76
C LEU A 397 -11.39 -17.71 4.97
N ASN A 398 -12.01 -18.76 5.48
CA ASN A 398 -11.35 -20.07 5.63
C ASN A 398 -11.01 -20.64 4.24
N ILE A 399 -11.83 -20.40 3.21
CA ILE A 399 -11.49 -20.88 1.83
C ILE A 399 -10.21 -20.15 1.39
N ILE A 400 -10.15 -18.83 1.55
CA ILE A 400 -8.96 -18.03 1.14
C ILE A 400 -7.74 -18.67 1.80
N ASN A 401 -7.81 -18.86 3.12
CA ASN A 401 -6.71 -19.43 3.93
C ASN A 401 -6.23 -20.74 3.30
N MET A 402 -7.18 -21.59 2.92
CA MET A 402 -6.86 -22.99 2.53
C MET A 402 -6.44 -23.06 1.06
N LEU A 403 -6.93 -22.15 0.22
CA LEU A 403 -6.79 -22.22 -1.25
C LEU A 403 -5.61 -21.36 -1.74
N LEU A 404 -5.14 -20.37 -0.98
CA LEU A 404 -3.93 -19.62 -1.41
C LEU A 404 -2.75 -20.57 -1.34
N PRO A 405 -1.69 -20.35 -2.13
CA PRO A 405 -0.49 -21.19 -2.02
C PRO A 405 0.13 -21.08 -0.62
N GLY A 406 0.74 -22.19 -0.20
CA GLY A 406 1.60 -22.26 1.00
C GLY A 406 0.85 -22.78 2.19
N VAL A 407 0.99 -22.09 3.32
CA VAL A 407 0.63 -22.59 4.67
C VAL A 407 -0.60 -21.84 5.15
N ALA A 408 -1.64 -22.59 5.52
CA ALA A 408 -2.85 -22.06 6.17
C ALA A 408 -2.58 -22.03 7.68
N VAL A 409 -2.79 -20.87 8.31
CA VAL A 409 -2.67 -20.75 9.78
C VAL A 409 -4.08 -20.51 10.33
N THR A 410 -4.47 -21.31 11.32
CA THR A 410 -5.80 -21.23 11.96
C THR A 410 -5.61 -20.88 13.44
N TYR A 411 -6.33 -19.88 13.95
CA TYR A 411 -6.38 -19.61 15.40
C TYR A 411 -7.59 -20.34 15.97
N GLN A 412 -7.37 -21.06 17.07
CA GLN A 412 -8.39 -21.67 17.93
C GLN A 412 -9.73 -20.95 17.79
N GLY A 413 -10.74 -21.62 17.23
CA GLY A 413 -12.12 -21.09 17.13
C GLY A 413 -12.52 -20.78 15.70
N GLU A 414 -11.56 -20.47 14.83
CA GLU A 414 -11.82 -20.09 13.42
C GLU A 414 -12.46 -21.26 12.67
N GLU A 415 -12.13 -22.50 13.01
CA GLU A 415 -12.66 -23.70 12.31
C GLU A 415 -14.16 -23.84 12.60
N ILE A 416 -14.69 -23.19 13.63
CA ILE A 416 -16.16 -23.18 13.94
C ILE A 416 -16.74 -21.76 13.89
N GLY A 417 -15.99 -20.75 13.47
CA GLY A 417 -16.53 -19.39 13.31
C GLY A 417 -16.79 -18.69 14.65
N MET A 418 -15.97 -18.97 15.66
CA MET A 418 -16.12 -18.35 17.00
C MET A 418 -16.01 -16.84 16.86
N ARG A 419 -16.90 -16.13 17.56
CA ARG A 419 -16.94 -14.65 17.57
C ARG A 419 -16.29 -14.18 18.86
N ASP A 420 -15.85 -12.93 18.90
CA ASP A 420 -15.39 -12.28 20.14
C ASP A 420 -16.42 -12.54 21.24
N GLY A 421 -15.96 -12.98 22.41
CA GLY A 421 -16.78 -13.07 23.64
C GLY A 421 -16.91 -11.70 24.28
N TYR A 422 -18.05 -11.40 24.90
CA TYR A 422 -18.18 -10.20 25.76
C TYR A 422 -17.38 -10.43 27.04
N VAL A 423 -16.56 -9.45 27.42
CA VAL A 423 -15.78 -9.48 28.70
C VAL A 423 -15.89 -8.09 29.33
N SER A 424 -16.61 -8.00 30.45
CA SER A 424 -16.78 -6.73 31.21
C SER A 424 -15.42 -6.25 31.73
N TRP A 425 -15.31 -4.95 32.00
CA TRP A 425 -14.19 -4.37 32.79
C TRP A 425 -13.90 -5.29 33.98
N GLU A 426 -14.96 -5.67 34.71
CA GLU A 426 -14.86 -6.43 35.99
C GLU A 426 -14.15 -7.77 35.75
N ASP A 427 -14.35 -8.40 34.58
CA ASP A 427 -13.78 -9.74 34.24
C ASP A 427 -12.53 -9.60 33.37
N THR A 428 -12.15 -8.38 32.96
CA THR A 428 -10.94 -8.12 32.13
C THR A 428 -9.69 -8.45 32.94
N VAL A 429 -8.80 -9.30 32.42
CA VAL A 429 -7.51 -9.68 33.08
C VAL A 429 -6.31 -9.32 32.18
N ASP A 430 -6.55 -8.90 30.94
CA ASP A 430 -5.47 -8.50 29.99
C ASP A 430 -4.74 -7.27 30.56
N ILE A 431 -3.47 -7.42 30.91
CA ILE A 431 -2.59 -6.32 31.40
C ILE A 431 -2.64 -5.12 30.43
N GLU A 432 -2.73 -5.37 29.11
CA GLU A 432 -2.77 -4.26 28.13
C GLU A 432 -3.98 -3.36 28.41
N ALA A 433 -5.15 -3.95 28.67
CA ALA A 433 -6.40 -3.20 28.91
C ALA A 433 -6.34 -2.53 30.28
N CYS A 434 -5.76 -3.21 31.27
CA CYS A 434 -5.64 -2.74 32.68
C CYS A 434 -4.70 -1.52 32.73
N ASN A 435 -3.63 -1.52 31.93
CA ASN A 435 -2.56 -0.49 31.93
C ASN A 435 -2.95 0.69 31.02
N ARG A 436 -3.57 0.43 29.87
CA ARG A 436 -3.85 1.48 28.86
C ARG A 436 -5.28 2.00 29.00
N GLY A 437 -6.18 1.22 29.61
CA GLY A 437 -7.63 1.45 29.53
C GLY A 437 -8.28 1.65 30.89
N ASP A 438 -9.57 1.98 30.88
CA ASP A 438 -10.42 2.12 32.10
C ASP A 438 -11.82 1.63 31.71
N PRO A 439 -12.79 1.58 32.65
CA PRO A 439 -14.13 1.05 32.35
C PRO A 439 -14.76 1.49 31.03
N ASP A 440 -14.43 2.70 30.54
CA ASP A 440 -15.05 3.32 29.35
C ASP A 440 -14.18 3.09 28.11
N THR A 441 -12.89 2.75 28.27
CA THR A 441 -11.92 2.66 27.14
C THR A 441 -11.25 1.27 27.04
N TYR A 442 -11.41 0.38 28.03
CA TYR A 442 -10.67 -0.91 28.10
C TYR A 442 -10.90 -1.73 26.82
N HIS A 443 -12.07 -1.60 26.18
CA HIS A 443 -12.48 -2.39 24.99
C HIS A 443 -11.59 -2.04 23.77
N LEU A 444 -10.99 -0.85 23.77
CA LEU A 444 -10.10 -0.40 22.67
C LEU A 444 -8.80 -1.22 22.67
N TYR A 445 -8.42 -1.77 23.83
CA TYR A 445 -7.09 -2.37 24.09
C TYR A 445 -7.20 -3.87 24.43
N SER A 446 -8.31 -4.33 25.01
CA SER A 446 -8.37 -5.69 25.61
C SER A 446 -8.29 -6.76 24.52
N ARG A 447 -7.47 -7.78 24.78
CA ARG A 447 -7.30 -8.96 23.91
C ARG A 447 -8.16 -10.11 24.44
N ASP A 448 -8.82 -9.91 25.59
CA ASP A 448 -9.56 -11.00 26.27
C ASP A 448 -10.70 -11.53 25.40
N PRO A 449 -11.47 -10.69 24.65
CA PRO A 449 -12.57 -11.21 23.83
C PRO A 449 -12.20 -12.32 22.83
N ALA A 450 -10.92 -12.39 22.43
CA ALA A 450 -10.41 -13.41 21.49
C ALA A 450 -9.80 -14.60 22.25
N ARG A 451 -9.82 -14.57 23.58
CA ARG A 451 -9.22 -15.61 24.45
C ARG A 451 -10.29 -16.32 25.25
N THR A 452 -11.57 -16.06 24.99
CA THR A 452 -12.68 -16.73 25.75
C THR A 452 -12.65 -18.22 25.41
N PRO A 453 -13.09 -19.10 26.34
CA PRO A 453 -12.94 -20.55 26.16
C PRO A 453 -13.56 -21.13 24.88
N TYR A 454 -12.89 -22.14 24.33
CA TYR A 454 -13.28 -22.82 23.06
C TYR A 454 -14.65 -23.47 23.26
N HIS A 455 -15.48 -23.45 22.22
CA HIS A 455 -16.87 -23.96 22.26
C HIS A 455 -16.91 -25.39 21.73
N TRP A 456 -16.68 -26.37 22.60
CA TRP A 456 -16.74 -27.81 22.24
C TRP A 456 -18.19 -28.22 21.97
N ASP A 457 -19.11 -27.82 22.84
CA ASP A 457 -20.50 -28.35 22.79
C ASP A 457 -21.41 -27.39 23.54
N ASN A 458 -22.64 -27.79 23.85
CA ASN A 458 -23.63 -26.88 24.49
C ASN A 458 -23.80 -27.24 25.98
N SER A 459 -22.89 -28.04 26.53
CA SER A 459 -22.82 -28.41 27.97
C SER A 459 -22.27 -27.22 28.75
N THR A 460 -22.20 -27.35 30.07
CA THR A 460 -21.70 -26.27 30.97
C THR A 460 -20.40 -25.70 30.40
N SER A 461 -20.29 -24.38 30.38
CA SER A 461 -19.08 -23.64 29.92
C SER A 461 -18.69 -24.10 28.51
N ALA A 462 -19.68 -24.47 27.68
CA ALA A 462 -19.50 -24.89 26.27
C ALA A 462 -18.59 -26.13 26.19
N GLY A 463 -18.51 -26.93 27.24
CA GLY A 463 -17.69 -28.16 27.26
C GLY A 463 -16.21 -27.87 27.43
N PHE A 464 -15.82 -26.61 27.59
CA PHE A 464 -14.42 -26.22 27.88
C PHE A 464 -14.03 -26.80 29.25
N SER A 465 -14.97 -26.75 30.19
CA SER A 465 -14.77 -27.11 31.62
C SER A 465 -16.06 -27.71 32.19
N THR A 466 -15.92 -28.62 33.16
CA THR A 466 -17.05 -29.10 34.02
C THR A 466 -17.45 -27.95 34.96
N SER A 467 -16.52 -27.04 35.27
CA SER A 467 -16.72 -25.91 36.20
C SER A 467 -17.33 -24.70 35.46
N THR A 468 -18.14 -23.89 36.17
CA THR A 468 -18.66 -22.58 35.68
C THR A 468 -17.66 -21.46 36.03
N ASN A 469 -16.55 -21.78 36.71
CA ASN A 469 -15.53 -20.80 37.17
C ASN A 469 -14.43 -20.71 36.11
N THR A 470 -14.77 -20.28 34.89
CA THR A 470 -13.78 -20.20 33.77
C THR A 470 -12.97 -18.90 33.91
N TRP A 471 -11.67 -18.99 33.65
CA TRP A 471 -10.69 -17.88 33.87
C TRP A 471 -11.12 -16.63 33.10
N LEU A 472 -11.72 -16.80 31.91
CA LEU A 472 -12.48 -15.75 31.19
C LEU A 472 -13.90 -16.25 30.98
N PRO A 473 -14.90 -15.35 30.91
CA PRO A 473 -16.29 -15.75 30.70
C PRO A 473 -16.47 -16.40 29.33
N VAL A 474 -17.26 -17.47 29.28
CA VAL A 474 -17.63 -18.16 28.01
C VAL A 474 -18.56 -17.23 27.23
N ALA A 475 -18.30 -17.08 25.93
CA ALA A 475 -19.11 -16.24 25.02
C ALA A 475 -20.58 -16.64 25.11
N GLU A 476 -21.46 -15.66 24.99
CA GLU A 476 -22.93 -15.83 25.19
C GLU A 476 -23.50 -16.76 24.11
N ASP A 477 -22.83 -16.90 22.96
CA ASP A 477 -23.42 -17.55 21.75
C ASP A 477 -22.99 -19.01 21.63
N TYR A 478 -22.46 -19.63 22.69
CA TYR A 478 -21.87 -20.98 22.62
C TYR A 478 -22.94 -22.03 22.25
N GLN A 479 -24.21 -21.78 22.57
CA GLN A 479 -25.32 -22.71 22.23
C GLN A 479 -25.55 -22.69 20.71
N GLU A 480 -25.29 -21.54 20.07
CA GLU A 480 -25.45 -21.36 18.60
C GLU A 480 -24.16 -21.78 17.88
N ILE A 481 -22.99 -21.58 18.50
CA ILE A 481 -21.66 -21.79 17.85
C ILE A 481 -20.82 -22.74 18.69
N ASN A 482 -20.79 -24.01 18.35
CA ASN A 482 -19.97 -25.03 19.06
C ASN A 482 -19.67 -26.17 18.11
N LEU A 483 -18.55 -26.86 18.35
CA LEU A 483 -17.99 -27.90 17.45
C LEU A 483 -18.97 -29.06 17.33
N ALA A 484 -19.57 -29.50 18.44
CA ALA A 484 -20.51 -30.65 18.44
C ALA A 484 -21.66 -30.36 17.47
N LYS A 485 -22.29 -29.19 17.58
CA LYS A 485 -23.46 -28.79 16.76
C LYS A 485 -23.08 -28.85 15.28
N GLN A 486 -21.86 -28.39 14.96
CA GLN A 486 -21.39 -28.28 13.56
C GLN A 486 -21.05 -29.65 12.98
N LYS A 487 -20.67 -30.60 13.83
CA LYS A 487 -20.38 -32.00 13.42
C LYS A 487 -21.67 -32.77 13.08
N GLU A 488 -22.81 -32.34 13.61
N GLU A 488 -22.82 -32.34 13.62
CA GLU A 488 -24.09 -33.09 13.49
CA GLU A 488 -24.11 -33.08 13.52
C GLU A 488 -25.15 -32.25 12.76
C GLU A 488 -25.11 -32.38 12.61
N THR A 489 -24.72 -31.28 11.94
CA THR A 489 -25.59 -30.56 11.00
C THR A 489 -24.96 -30.75 9.61
N ALA A 490 -25.77 -30.93 8.57
CA ALA A 490 -25.30 -31.32 7.22
C ALA A 490 -24.26 -30.31 6.73
N ARG A 491 -24.51 -29.03 7.00
CA ARG A 491 -23.66 -27.91 6.50
C ARG A 491 -23.22 -27.05 7.69
N SER A 492 -21.93 -26.82 7.80
CA SER A 492 -21.37 -26.07 8.95
C SER A 492 -19.99 -25.52 8.60
N HIS A 493 -19.53 -24.53 9.35
CA HIS A 493 -18.17 -23.96 9.20
C HIS A 493 -17.15 -25.09 9.34
N PHE A 494 -17.34 -25.97 10.34
CA PHE A 494 -16.37 -27.06 10.59
C PHE A 494 -16.38 -28.04 9.41
N LYS A 495 -17.53 -28.43 8.88
CA LYS A 495 -17.57 -29.40 7.75
C LYS A 495 -16.90 -28.76 6.51
N ASN A 496 -17.06 -27.45 6.32
CA ASN A 496 -16.39 -26.68 5.23
C ASN A 496 -14.88 -26.71 5.50
N TYR A 497 -14.47 -26.48 6.75
CA TYR A 497 -13.05 -26.49 7.15
C TYR A 497 -12.45 -27.86 6.81
N GLN A 498 -13.16 -28.93 7.14
CA GLN A 498 -12.71 -30.31 6.84
C GLN A 498 -12.60 -30.51 5.32
N ALA A 499 -13.58 -30.03 4.55
CA ALA A 499 -13.60 -30.18 3.08
C ALA A 499 -12.36 -29.45 2.50
N LEU A 500 -12.00 -28.32 3.09
CA LEU A 500 -10.89 -27.48 2.58
C LEU A 500 -9.53 -28.09 2.96
N THR A 501 -9.35 -28.59 4.19
CA THR A 501 -8.07 -29.25 4.57
C THR A 501 -7.89 -30.51 3.70
N LYS A 502 -8.97 -31.25 3.44
CA LYS A 502 -8.91 -32.43 2.53
C LYS A 502 -8.45 -31.98 1.15
N LEU A 503 -9.01 -30.89 0.64
CA LEU A 503 -8.72 -30.39 -0.73
C LEU A 503 -7.23 -30.07 -0.87
N ARG A 504 -6.56 -29.70 0.22
CA ARG A 504 -5.12 -29.32 0.20
C ARG A 504 -4.23 -30.52 -0.15
N LYS A 505 -4.74 -31.74 -0.04
CA LYS A 505 -4.02 -32.96 -0.51
C LYS A 505 -3.86 -32.95 -2.04
N GLN A 506 -4.74 -32.26 -2.77
CA GLN A 506 -4.75 -32.24 -4.26
C GLN A 506 -3.50 -31.49 -4.76
N ALA A 507 -2.80 -32.06 -5.76
CA ALA A 507 -1.62 -31.44 -6.42
C ALA A 507 -1.97 -30.01 -6.86
N THR A 508 -3.19 -29.77 -7.32
CA THR A 508 -3.60 -28.42 -7.76
C THR A 508 -3.30 -27.41 -6.65
N LEU A 509 -3.58 -27.76 -5.38
CA LEU A 509 -3.39 -26.80 -4.25
C LEU A 509 -1.93 -26.82 -3.76
N SER A 510 -1.26 -27.96 -3.76
CA SER A 510 0.13 -28.07 -3.26
C SER A 510 1.12 -27.50 -4.30
N HIS A 511 0.85 -27.64 -5.60
CA HIS A 511 1.83 -27.32 -6.67
C HIS A 511 1.26 -26.38 -7.74
N GLY A 512 -0.03 -26.09 -7.70
CA GLY A 512 -0.70 -25.35 -8.79
C GLY A 512 -0.30 -23.89 -8.83
N GLU A 513 -0.47 -23.28 -10.01
CA GLU A 513 -0.35 -21.82 -10.20
C GLU A 513 -1.51 -21.19 -9.46
N TYR A 514 -1.44 -19.88 -9.28
CA TYR A 514 -2.56 -19.07 -8.74
C TYR A 514 -2.81 -17.92 -9.71
N ASP A 515 -4.07 -17.55 -9.85
CA ASP A 515 -4.53 -16.34 -10.56
C ASP A 515 -5.59 -15.68 -9.68
N ILE A 516 -5.45 -14.38 -9.42
CA ILE A 516 -6.34 -13.65 -8.50
C ILE A 516 -6.62 -12.27 -9.10
N ARG A 517 -7.89 -11.91 -9.16
CA ARG A 517 -8.33 -10.60 -9.68
C ARG A 517 -9.73 -10.32 -9.15
N ALA A 518 -10.06 -9.04 -8.99
CA ALA A 518 -11.42 -8.58 -8.63
C ALA A 518 -12.27 -8.52 -9.90
N LEU A 519 -13.48 -9.09 -9.85
CA LEU A 519 -14.45 -9.00 -10.98
C LEU A 519 -15.24 -7.71 -10.84
N SER A 520 -15.25 -7.16 -9.63
CA SER A 520 -16.01 -5.95 -9.25
C SER A 520 -15.48 -5.46 -7.90
N ASP A 521 -16.05 -4.38 -7.36
CA ASP A 521 -15.77 -3.91 -5.98
C ASP A 521 -16.23 -4.98 -4.98
N ARG A 522 -17.14 -5.88 -5.37
CA ARG A 522 -17.83 -6.80 -4.41
C ARG A 522 -17.22 -8.21 -4.47
N THR A 523 -16.80 -8.68 -5.65
CA THR A 523 -16.45 -10.10 -5.86
C THR A 523 -15.05 -10.23 -6.46
N PHE A 524 -14.27 -11.17 -5.93
CA PHE A 524 -13.00 -11.60 -6.56
C PHE A 524 -13.02 -13.10 -6.75
N TYR A 525 -12.12 -13.55 -7.62
CA TYR A 525 -11.81 -14.97 -7.84
C TYR A 525 -10.37 -15.23 -7.44
N LEU A 526 -10.13 -16.48 -7.05
CA LEU A 526 -8.79 -17.07 -6.87
C LEU A 526 -8.84 -18.44 -7.54
N VAL A 527 -8.05 -18.61 -8.58
CA VAL A 527 -8.00 -19.88 -9.34
C VAL A 527 -6.68 -20.58 -9.02
N ARG A 528 -6.75 -21.86 -8.69
CA ARG A 528 -5.58 -22.75 -8.64
C ARG A 528 -5.71 -23.67 -9.85
N SER A 529 -4.65 -23.73 -10.66
CA SER A 529 -4.63 -24.50 -11.93
C SER A 529 -3.31 -25.25 -12.06
N LEU A 530 -3.34 -26.41 -12.71
CA LEU A 530 -2.14 -27.27 -12.84
C LEU A 530 -2.43 -28.22 -14.00
N PRO A 531 -1.61 -28.17 -15.08
CA PRO A 531 -1.91 -28.97 -16.26
C PRO A 531 -2.24 -30.42 -15.89
N THR A 532 -3.34 -30.95 -16.44
CA THR A 532 -3.85 -32.34 -16.30
C THR A 532 -4.53 -32.59 -14.93
N HIS A 533 -4.47 -31.63 -14.00
CA HIS A 533 -5.16 -31.73 -12.68
C HIS A 533 -6.36 -30.79 -12.64
N ASP A 534 -7.38 -31.14 -11.86
CA ASP A 534 -8.63 -30.36 -11.81
C ASP A 534 -8.30 -28.92 -11.40
N THR A 535 -9.05 -27.97 -11.95
CA THR A 535 -8.96 -26.54 -11.62
C THR A 535 -9.85 -26.29 -10.40
N TYR A 536 -9.41 -25.49 -9.44
CA TYR A 536 -10.24 -25.10 -8.27
C TYR A 536 -10.35 -23.58 -8.25
N VAL A 537 -11.57 -23.08 -8.13
CA VAL A 537 -11.90 -21.64 -8.25
C VAL A 537 -12.67 -21.19 -7.01
N LEU A 538 -12.13 -20.23 -6.27
CA LEU A 538 -12.91 -19.48 -5.26
C LEU A 538 -13.58 -18.31 -5.96
N LEU A 539 -14.87 -18.16 -5.77
CA LEU A 539 -15.58 -16.88 -6.02
C LEU A 539 -16.09 -16.41 -4.67
N PHE A 540 -15.79 -15.18 -4.29
CA PHE A 540 -16.15 -14.62 -2.97
C PHE A 540 -16.71 -13.22 -3.14
N ASN A 541 -17.99 -13.06 -2.82
CA ASN A 541 -18.64 -11.75 -2.64
C ASN A 541 -18.35 -11.29 -1.20
N VAL A 542 -17.41 -10.36 -1.04
CA VAL A 542 -16.96 -9.91 0.30
C VAL A 542 -17.84 -8.73 0.77
N SER A 543 -18.82 -8.33 -0.05
CA SER A 543 -19.63 -7.11 0.17
C SER A 543 -20.91 -7.50 0.93
N GLU A 544 -21.71 -6.49 1.27
CA GLU A 544 -22.99 -6.64 2.00
C GLU A 544 -24.15 -6.67 1.00
N ARG A 545 -23.86 -6.71 -0.30
CA ARG A 545 -24.88 -6.64 -1.37
C ARG A 545 -24.70 -7.79 -2.35
N ARG A 546 -25.80 -8.22 -2.97
CA ARG A 546 -25.78 -9.18 -4.10
C ARG A 546 -24.88 -8.61 -5.20
N ASP A 547 -24.17 -9.49 -5.91
CA ASP A 547 -23.33 -9.14 -7.08
C ASP A 547 -23.54 -10.22 -8.15
N THR A 548 -23.67 -9.81 -9.41
CA THR A 548 -23.78 -10.71 -10.58
C THR A 548 -22.49 -10.55 -11.38
N VAL A 549 -21.76 -11.63 -11.61
CA VAL A 549 -20.45 -11.60 -12.31
C VAL A 549 -20.55 -12.47 -13.55
N ASP A 550 -19.75 -12.12 -14.55
CA ASP A 550 -19.54 -12.93 -15.78
C ASP A 550 -18.39 -13.90 -15.54
N LEU A 551 -18.70 -15.19 -15.37
CA LEU A 551 -17.71 -16.27 -15.11
C LEU A 551 -16.81 -16.46 -16.34
N GLY A 552 -17.23 -15.97 -17.51
CA GLY A 552 -16.38 -15.89 -18.71
C GLY A 552 -15.10 -15.10 -18.48
N ARG A 553 -15.10 -14.16 -17.52
CA ARG A 553 -13.92 -13.35 -17.14
C ARG A 553 -12.91 -14.18 -16.32
N VAL A 554 -13.33 -15.30 -15.75
CA VAL A 554 -12.48 -16.11 -14.83
C VAL A 554 -11.60 -17.01 -15.68
N PRO A 555 -10.27 -16.91 -15.56
CA PRO A 555 -9.35 -17.75 -16.33
C PRO A 555 -9.42 -19.21 -15.87
N HIS A 556 -9.26 -20.14 -16.80
CA HIS A 556 -9.12 -21.60 -16.54
C HIS A 556 -10.45 -22.20 -16.07
N LEU A 557 -11.55 -21.45 -16.07
CA LEU A 557 -12.88 -21.94 -15.63
C LEU A 557 -13.70 -22.30 -16.86
N THR A 558 -13.96 -23.59 -17.04
CA THR A 558 -14.87 -24.13 -18.08
C THR A 558 -16.13 -24.61 -17.37
N LEU A 559 -17.31 -24.31 -17.93
CA LEU A 559 -18.62 -24.72 -17.38
C LEU A 559 -19.14 -25.87 -18.24
N PRO A 560 -19.94 -26.82 -17.69
CA PRO A 560 -20.28 -26.84 -16.27
C PRO A 560 -19.13 -27.10 -15.28
N ALA A 561 -19.25 -26.53 -14.07
CA ALA A 561 -18.37 -26.80 -12.92
C ALA A 561 -19.22 -27.23 -11.74
N THR A 562 -18.63 -27.98 -10.82
CA THR A 562 -19.31 -28.57 -9.64
C THR A 562 -18.93 -27.77 -8.40
N VAL A 563 -19.92 -27.41 -7.59
CA VAL A 563 -19.67 -26.76 -6.25
C VAL A 563 -18.98 -27.80 -5.35
N TYR A 564 -17.76 -27.50 -4.91
CA TYR A 564 -17.00 -28.37 -3.97
C TYR A 564 -17.37 -27.96 -2.53
N VAL A 565 -17.38 -26.66 -2.27
CA VAL A 565 -17.72 -26.03 -0.96
C VAL A 565 -18.50 -24.76 -1.27
N SER A 566 -19.52 -24.47 -0.46
CA SER A 566 -20.28 -23.21 -0.45
C SER A 566 -20.40 -22.73 0.99
N SER A 567 -20.49 -21.41 1.16
CA SER A 567 -20.86 -20.78 2.44
C SER A 567 -22.11 -21.48 3.00
N ILE A 568 -22.22 -21.60 4.31
CA ILE A 568 -23.39 -22.27 4.95
C ILE A 568 -24.70 -21.58 4.53
N HIS A 569 -24.67 -20.30 4.14
CA HIS A 569 -25.88 -19.52 3.76
C HIS A 569 -26.12 -19.53 2.25
N SER A 570 -25.24 -20.17 1.48
CA SER A 570 -25.38 -20.26 0.00
C SER A 570 -26.66 -21.04 -0.35
N ALA A 571 -27.32 -20.63 -1.42
CA ALA A 571 -28.38 -21.42 -2.12
C ALA A 571 -27.78 -22.69 -2.73
N ARG A 572 -26.48 -22.71 -3.04
CA ARG A 572 -25.81 -23.85 -3.71
C ARG A 572 -25.24 -24.83 -2.69
N LEU A 573 -25.58 -26.11 -2.84
CA LEU A 573 -25.05 -27.23 -2.05
C LEU A 573 -23.85 -27.83 -2.80
N ALA A 574 -22.93 -28.46 -2.07
CA ALA A 574 -21.86 -29.30 -2.64
C ALA A 574 -22.50 -30.28 -3.62
N GLY A 575 -21.93 -30.42 -4.81
CA GLY A 575 -22.45 -31.29 -5.88
C GLY A 575 -23.31 -30.55 -6.90
N HIS A 576 -23.83 -29.36 -6.55
CA HIS A 576 -24.60 -28.47 -7.47
C HIS A 576 -23.71 -28.11 -8.67
N GLU A 577 -24.25 -28.18 -9.90
CA GLU A 577 -23.48 -27.84 -11.13
C GLU A 577 -23.77 -26.38 -11.51
N ILE A 578 -22.70 -25.58 -11.69
CA ILE A 578 -22.77 -24.20 -12.24
C ILE A 578 -22.68 -24.32 -13.76
N THR A 579 -23.73 -23.91 -14.48
CA THR A 579 -23.89 -24.15 -15.94
C THR A 579 -23.97 -22.81 -16.68
N SER A 580 -24.54 -21.77 -16.07
CA SER A 580 -24.64 -20.42 -16.68
C SER A 580 -23.35 -19.64 -16.41
N SER A 581 -22.95 -18.79 -17.37
CA SER A 581 -21.78 -17.88 -17.26
C SER A 581 -22.11 -16.72 -16.33
N GLN A 582 -23.40 -16.38 -16.15
CA GLN A 582 -23.85 -15.29 -15.24
C GLN A 582 -24.13 -15.90 -13.85
N LEU A 583 -23.38 -15.47 -12.83
CA LEU A 583 -23.49 -15.99 -11.44
C LEU A 583 -23.84 -14.83 -10.51
N SER A 584 -24.98 -14.93 -9.81
CA SER A 584 -25.35 -14.01 -8.71
C SER A 584 -24.88 -14.62 -7.40
N LEU A 585 -24.01 -13.91 -6.69
CA LEU A 585 -23.53 -14.27 -5.34
C LEU A 585 -24.21 -13.31 -4.36
N GLU A 586 -24.80 -13.86 -3.30
CA GLU A 586 -25.38 -13.04 -2.21
C GLU A 586 -24.23 -12.48 -1.38
N ALA A 587 -24.53 -11.51 -0.51
CA ALA A 587 -23.59 -10.94 0.47
C ALA A 587 -22.83 -12.05 1.19
N GLY A 588 -21.50 -11.99 1.17
CA GLY A 588 -20.61 -12.89 1.91
C GLY A 588 -20.50 -14.27 1.28
N GLU A 589 -21.21 -14.52 0.18
CA GLU A 589 -21.29 -15.89 -0.39
C GLU A 589 -19.97 -16.22 -1.08
N ALA A 590 -19.45 -17.41 -0.76
CA ALA A 590 -18.22 -17.96 -1.34
C ALA A 590 -18.54 -19.34 -1.89
N LEU A 591 -18.06 -19.63 -3.08
CA LEU A 591 -18.09 -20.98 -3.69
C LEU A 591 -16.65 -21.39 -4.01
N VAL A 592 -16.31 -22.65 -3.77
CA VAL A 592 -15.17 -23.33 -4.42
C VAL A 592 -15.76 -24.18 -5.54
N LEU A 593 -15.38 -23.91 -6.78
CA LEU A 593 -15.81 -24.75 -7.92
C LEU A 593 -14.68 -25.71 -8.29
N LYS A 594 -15.06 -26.93 -8.65
CA LYS A 594 -14.18 -27.93 -9.25
C LYS A 594 -14.49 -27.95 -10.74
N ALA A 595 -13.48 -27.74 -11.57
CA ALA A 595 -13.65 -27.55 -13.03
C ALA A 595 -12.58 -28.38 -13.74
N GLN A 596 -12.78 -28.55 -15.04
CA GLN A 596 -11.89 -29.28 -15.95
C GLN A 596 -10.44 -28.84 -15.75
N PRO A 597 -9.47 -29.78 -15.80
CA PRO A 597 -8.05 -29.43 -15.87
C PRO A 597 -7.71 -28.52 -17.05
N ILE A 598 -6.75 -27.61 -16.86
CA ILE A 598 -6.10 -26.91 -17.99
C ILE A 598 -5.15 -27.89 -18.69
N PRO B 31 2.34 -14.45 -38.29
CA PRO B 31 2.02 -13.32 -37.37
C PRO B 31 0.57 -12.84 -37.57
N THR B 32 -0.28 -13.01 -36.56
CA THR B 32 -1.73 -12.68 -36.62
C THR B 32 -1.94 -11.20 -36.96
N GLU B 33 -3.03 -10.92 -37.68
CA GLU B 33 -3.57 -9.56 -37.95
C GLU B 33 -4.21 -9.03 -36.66
N VAL B 34 -3.99 -7.76 -36.33
CA VAL B 34 -4.61 -7.07 -35.17
C VAL B 34 -5.39 -5.84 -35.68
N ILE B 35 -6.55 -5.56 -35.08
CA ILE B 35 -7.34 -4.33 -35.35
C ILE B 35 -6.69 -3.19 -34.54
N GLN B 36 -6.41 -2.05 -35.17
CA GLN B 36 -5.75 -0.90 -34.50
C GLN B 36 -6.68 -0.38 -33.39
N LEU B 37 -6.10 0.08 -32.28
CA LEU B 37 -6.87 0.61 -31.12
C LEU B 37 -7.30 2.05 -31.42
N ASP B 38 -8.37 2.52 -30.77
CA ASP B 38 -8.71 3.96 -30.75
C ASP B 38 -7.46 4.71 -30.25
N TRP B 39 -7.17 5.87 -30.84
CA TRP B 39 -5.89 6.62 -30.66
C TRP B 39 -5.60 6.82 -29.16
N TRP B 40 -6.62 7.10 -28.36
CA TRP B 40 -6.43 7.55 -26.95
C TRP B 40 -6.16 6.37 -26.02
N LYS B 41 -6.31 5.13 -26.48
CA LYS B 41 -6.15 3.93 -25.63
C LYS B 41 -4.67 3.54 -25.53
N ASN B 42 -3.82 4.01 -26.44
CA ASN B 42 -2.38 3.65 -26.38
C ASN B 42 -1.50 4.75 -26.95
N CYS B 43 -1.95 6.01 -26.89
CA CYS B 43 -1.14 7.15 -27.34
C CYS B 43 0.04 7.31 -26.39
N VAL B 44 1.14 7.81 -26.95
CA VAL B 44 2.18 8.52 -26.17
C VAL B 44 1.71 9.96 -26.06
N LEU B 45 1.45 10.39 -24.83
CA LEU B 45 0.90 11.72 -24.51
C LEU B 45 2.03 12.53 -23.88
N TYR B 46 2.32 13.69 -24.45
CA TYR B 46 3.42 14.57 -23.99
C TYR B 46 2.83 15.86 -23.44
N GLN B 47 3.17 16.17 -22.19
CA GLN B 47 2.84 17.45 -21.54
C GLN B 47 3.88 18.50 -21.92
N ILE B 48 3.42 19.53 -22.64
CA ILE B 48 4.18 20.77 -22.87
C ILE B 48 3.85 21.75 -21.75
N TYR B 49 4.90 22.35 -21.16
CA TYR B 49 4.78 23.55 -20.29
C TYR B 49 5.16 24.73 -21.17
N PRO B 50 4.18 25.41 -21.81
CA PRO B 50 4.48 26.34 -22.90
C PRO B 50 5.47 27.44 -22.51
N ARG B 51 5.41 27.93 -21.27
CA ARG B 51 6.31 29.02 -20.80
C ARG B 51 7.77 28.59 -20.90
N SER B 52 8.04 27.29 -20.88
CA SER B 52 9.42 26.75 -20.73
C SER B 52 9.86 25.90 -21.92
N PHE B 53 9.03 25.79 -22.96
CA PHE B 53 9.32 24.86 -24.09
C PHE B 53 10.20 25.58 -25.12
N LYS B 54 9.69 26.59 -25.80
CA LYS B 54 10.49 27.28 -26.84
C LYS B 54 10.10 28.75 -26.92
N ASP B 55 11.07 29.63 -26.68
CA ASP B 55 10.88 31.10 -26.82
C ASP B 55 11.28 31.48 -28.25
N SER B 56 10.33 31.97 -29.04
CA SER B 56 10.55 32.31 -30.48
C SER B 56 10.91 33.79 -30.66
N ASP B 57 10.78 34.63 -29.63
CA ASP B 57 10.84 36.10 -29.77
C ASP B 57 11.80 36.75 -28.76
N GLY B 58 12.60 35.98 -28.01
CA GLY B 58 13.70 36.50 -27.19
C GLY B 58 13.27 37.20 -25.92
N ASP B 59 11.99 37.09 -25.52
CA ASP B 59 11.49 37.66 -24.26
C ASP B 59 11.75 36.69 -23.08
N GLY B 60 12.40 35.55 -23.33
CA GLY B 60 12.74 34.56 -22.28
C GLY B 60 11.51 33.80 -21.84
N ILE B 61 10.40 33.92 -22.57
CA ILE B 61 9.10 33.28 -22.24
C ILE B 61 8.71 32.37 -23.40
N GLY B 62 8.50 31.10 -23.13
CA GLY B 62 8.08 30.16 -24.18
C GLY B 62 6.75 30.60 -24.76
N ASP B 63 6.49 30.30 -26.03
CA ASP B 63 5.30 30.87 -26.71
C ASP B 63 4.79 29.91 -27.78
N LEU B 64 3.63 30.21 -28.37
CA LEU B 64 2.95 29.30 -29.33
C LEU B 64 3.77 29.19 -30.62
N LYS B 65 4.35 30.29 -31.11
CA LYS B 65 5.21 30.24 -32.30
C LYS B 65 6.41 29.32 -32.01
N GLY B 66 6.91 29.32 -30.78
CA GLY B 66 7.98 28.38 -30.38
C GLY B 66 7.51 26.95 -30.51
N ILE B 67 6.34 26.63 -29.95
CA ILE B 67 5.77 25.26 -30.05
C ILE B 67 5.59 24.91 -31.52
N ILE B 68 5.03 25.81 -32.32
CA ILE B 68 4.76 25.56 -33.76
C ILE B 68 6.06 25.18 -34.47
N SER B 69 7.14 25.92 -34.22
CA SER B 69 8.48 25.74 -34.81
C SER B 69 9.05 24.36 -34.42
N GLU B 70 8.60 23.75 -33.32
CA GLU B 70 9.14 22.44 -32.87
C GLU B 70 8.08 21.33 -32.86
N LEU B 71 6.96 21.47 -33.59
CA LEU B 71 5.98 20.36 -33.68
C LEU B 71 6.64 19.12 -34.27
N LYS B 72 7.60 19.30 -35.18
CA LYS B 72 8.40 18.19 -35.75
C LYS B 72 9.09 17.38 -34.65
N HIS B 73 9.41 17.99 -33.50
CA HIS B 73 10.07 17.26 -32.36
C HIS B 73 9.17 16.09 -31.93
N PHE B 74 7.87 16.29 -31.89
CA PHE B 74 6.90 15.26 -31.42
C PHE B 74 6.86 14.10 -32.41
N VAL B 75 6.92 14.42 -33.71
CA VAL B 75 6.95 13.34 -34.75
C VAL B 75 8.27 12.59 -34.59
N ASP B 76 9.36 13.32 -34.41
CA ASP B 76 10.73 12.75 -34.24
C ASP B 76 10.78 11.85 -33.01
N ALA B 77 10.13 12.26 -31.92
CA ALA B 77 10.11 11.55 -30.63
C ALA B 77 9.17 10.35 -30.69
N GLY B 78 8.20 10.30 -31.60
CA GLY B 78 7.16 9.24 -31.62
C GLY B 78 6.03 9.55 -30.66
N VAL B 79 5.82 10.83 -30.35
CA VAL B 79 4.67 11.31 -29.54
C VAL B 79 3.42 11.35 -30.46
N ASP B 80 2.30 10.85 -29.94
CA ASP B 80 1.01 10.81 -30.66
C ASP B 80 0.18 12.05 -30.35
N ALA B 81 0.30 12.56 -29.13
CA ALA B 81 -0.63 13.57 -28.61
C ALA B 81 0.14 14.47 -27.66
N ILE B 82 -0.14 15.77 -27.73
CA ILE B 82 0.43 16.78 -26.83
C ILE B 82 -0.72 17.42 -26.04
N TRP B 83 -0.47 17.73 -24.78
CA TRP B 83 -1.35 18.62 -24.00
C TRP B 83 -0.50 19.77 -23.53
N MET B 84 -1.08 20.96 -23.51
CA MET B 84 -0.35 22.15 -23.04
C MET B 84 -0.90 22.53 -21.68
N SER B 85 -0.03 22.87 -20.74
CA SER B 85 -0.43 23.62 -19.54
C SER B 85 -1.14 24.89 -20.00
N PRO B 86 -2.00 25.52 -19.17
CA PRO B 86 -2.93 26.53 -19.66
C PRO B 86 -2.27 27.68 -20.45
N ILE B 87 -2.90 28.00 -21.58
CA ILE B 87 -2.46 29.09 -22.50
C ILE B 87 -3.55 30.15 -22.63
N PHE B 88 -4.61 30.06 -21.83
CA PHE B 88 -5.74 31.03 -21.85
C PHE B 88 -5.33 32.32 -21.15
N GLU B 89 -6.02 33.41 -21.48
CA GLU B 89 -5.75 34.72 -20.85
C GLU B 89 -5.71 34.52 -19.35
N SER B 90 -4.67 35.05 -18.72
CA SER B 90 -4.31 34.83 -17.31
C SER B 90 -3.41 35.97 -16.84
N PRO B 91 -3.68 36.54 -15.65
CA PRO B 91 -2.73 37.45 -15.00
C PRO B 91 -1.40 36.81 -14.56
N MET B 92 -1.28 35.47 -14.67
CA MET B 92 -0.02 34.70 -14.46
C MET B 92 0.35 34.59 -12.98
N VAL B 93 -0.59 34.85 -12.06
CA VAL B 93 -0.36 34.68 -10.61
C VAL B 93 0.09 33.23 -10.35
N ASP B 94 -0.58 32.27 -11.01
CA ASP B 94 -0.24 30.82 -10.96
C ASP B 94 0.09 30.34 -12.38
N PHE B 95 0.79 31.18 -13.15
CA PHE B 95 1.34 30.89 -14.50
C PHE B 95 0.32 30.11 -15.31
N GLY B 96 -0.88 30.69 -15.44
CA GLY B 96 -1.90 30.22 -16.39
C GLY B 96 -3.06 29.52 -15.70
N TYR B 97 -2.89 29.06 -14.46
CA TYR B 97 -3.97 28.34 -13.72
C TYR B 97 -4.94 29.34 -13.07
N ASP B 98 -4.63 30.64 -13.15
CA ASP B 98 -5.56 31.76 -12.80
C ASP B 98 -6.06 32.35 -14.12
N ILE B 99 -7.18 31.85 -14.63
CA ILE B 99 -7.66 32.16 -16.00
C ILE B 99 -8.66 33.32 -15.91
N SER B 100 -8.39 34.41 -16.64
CA SER B 100 -9.27 35.61 -16.66
C SER B 100 -10.19 35.59 -17.89
N ASN B 101 -9.89 34.78 -18.89
CA ASN B 101 -10.79 34.59 -20.07
C ASN B 101 -10.56 33.19 -20.62
N PHE B 102 -11.57 32.33 -20.54
CA PHE B 102 -11.46 30.91 -20.94
C PHE B 102 -11.63 30.77 -22.45
N TYR B 103 -11.79 31.87 -23.19
CA TYR B 103 -12.07 31.85 -24.65
C TYR B 103 -11.00 32.58 -25.47
N ASP B 104 -9.88 32.96 -24.86
CA ASP B 104 -8.81 33.57 -25.67
C ASP B 104 -7.46 33.21 -25.07
N ILE B 105 -6.42 33.54 -25.83
CA ILE B 105 -5.02 33.11 -25.60
C ILE B 105 -4.29 34.21 -24.84
N HIS B 106 -3.46 33.81 -23.88
CA HIS B 106 -2.55 34.70 -23.11
C HIS B 106 -1.56 35.38 -24.05
N TYR B 107 -1.46 36.71 -23.97
CA TYR B 107 -0.76 37.55 -24.97
C TYR B 107 0.72 37.15 -25.02
N GLU B 108 1.34 36.80 -23.89
CA GLU B 108 2.77 36.43 -23.89
C GLU B 108 2.98 35.18 -24.76
N TYR B 109 1.99 34.28 -24.82
CA TYR B 109 2.12 33.01 -25.58
C TYR B 109 1.78 33.24 -27.04
N GLY B 110 0.84 34.16 -27.28
CA GLY B 110 0.51 34.61 -28.64
C GLY B 110 -0.95 34.91 -28.78
N THR B 111 -1.48 34.60 -29.96
CA THR B 111 -2.84 34.98 -30.39
C THR B 111 -3.66 33.73 -30.68
N MET B 112 -4.97 33.92 -30.75
CA MET B 112 -5.92 32.90 -31.23
C MET B 112 -5.43 32.40 -32.59
N GLU B 113 -4.91 33.30 -33.43
CA GLU B 113 -4.43 32.96 -34.80
C GLU B 113 -3.25 31.98 -34.68
N ASP B 114 -2.36 32.23 -33.72
CA ASP B 114 -1.21 31.33 -33.44
C ASP B 114 -1.74 29.96 -32.99
N PHE B 115 -2.78 29.97 -32.16
CA PHE B 115 -3.37 28.72 -31.63
C PHE B 115 -3.96 27.93 -32.80
N GLU B 116 -4.73 28.61 -33.65
CA GLU B 116 -5.37 27.97 -34.85
C GLU B 116 -4.27 27.43 -35.77
N GLU B 117 -3.17 28.15 -35.94
CA GLU B 117 -2.02 27.69 -36.77
C GLU B 117 -1.40 26.44 -36.12
N LEU B 118 -1.21 26.46 -34.80
CA LEU B 118 -0.71 25.29 -34.03
C LEU B 118 -1.59 24.06 -34.28
N LEU B 119 -2.92 24.19 -34.12
CA LEU B 119 -3.84 23.04 -34.36
C LEU B 119 -3.68 22.53 -35.79
N ASP B 120 -3.64 23.44 -36.76
CA ASP B 120 -3.59 23.07 -38.20
C ASP B 120 -2.30 22.29 -38.48
N LYS B 121 -1.16 22.83 -38.05
CA LYS B 121 0.17 22.26 -38.31
C LYS B 121 0.31 20.95 -37.52
N ALA B 122 -0.16 20.90 -36.27
CA ALA B 122 -0.12 19.66 -35.46
C ALA B 122 -0.94 18.57 -36.16
N HIS B 123 -2.17 18.91 -36.57
CA HIS B 123 -3.09 17.96 -37.25
C HIS B 123 -2.49 17.52 -38.59
N GLU B 124 -1.86 18.42 -39.33
CA GLU B 124 -1.18 18.09 -40.62
C GLU B 124 -0.11 17.02 -40.36
N LEU B 125 0.56 17.07 -39.20
CA LEU B 125 1.65 16.12 -38.85
C LEU B 125 1.09 14.85 -38.20
N GLY B 126 -0.23 14.76 -38.01
CA GLY B 126 -0.95 13.60 -37.46
C GLY B 126 -0.98 13.61 -35.94
N LEU B 127 -0.62 14.72 -35.30
CA LEU B 127 -0.63 14.82 -33.81
C LEU B 127 -2.04 15.17 -33.35
N LYS B 128 -2.40 14.72 -32.14
CA LYS B 128 -3.59 15.20 -31.40
C LYS B 128 -3.14 16.30 -30.45
N VAL B 129 -4.03 17.26 -30.21
CA VAL B 129 -3.72 18.42 -29.33
C VAL B 129 -4.83 18.54 -28.29
N LEU B 130 -4.45 18.47 -27.02
CA LEU B 130 -5.40 18.61 -25.90
C LEU B 130 -5.07 19.90 -25.15
N LEU B 131 -6.12 20.56 -24.67
CA LEU B 131 -6.01 21.80 -23.87
C LEU B 131 -6.23 21.46 -22.41
N ASP B 132 -5.44 22.09 -21.55
CA ASP B 132 -5.56 22.05 -20.08
C ASP B 132 -6.33 23.30 -19.67
N PHE B 133 -7.42 23.14 -18.92
CA PHE B 133 -7.92 24.25 -18.08
C PHE B 133 -8.43 23.66 -16.76
N VAL B 134 -8.55 24.55 -15.79
CA VAL B 134 -8.94 24.22 -14.40
C VAL B 134 -10.38 24.69 -14.25
N PRO B 135 -11.34 23.76 -14.24
CA PRO B 135 -12.74 24.13 -14.04
C PRO B 135 -13.03 24.64 -12.62
N ASN B 136 -12.16 24.33 -11.65
CA ASN B 136 -12.42 24.61 -10.22
C ASN B 136 -12.58 26.11 -9.98
N HIS B 137 -11.83 26.95 -10.70
CA HIS B 137 -11.68 28.37 -10.29
C HIS B 137 -11.36 29.25 -11.48
N ALA B 138 -11.61 30.55 -11.29
CA ALA B 138 -11.35 31.62 -12.26
C ALA B 138 -10.53 32.71 -11.58
N SER B 139 -9.74 33.44 -12.37
CA SER B 139 -9.02 34.66 -11.92
C SER B 139 -10.03 35.63 -11.31
N ASN B 140 -9.60 36.39 -10.30
CA ASN B 140 -10.39 37.54 -9.78
C ASN B 140 -10.41 38.68 -10.82
N GLU B 141 -9.71 38.53 -11.95
CA GLU B 141 -9.75 39.48 -13.09
C GLU B 141 -10.71 38.99 -14.17
N SER B 142 -11.29 37.78 -14.03
CA SER B 142 -12.28 37.24 -14.99
C SER B 142 -13.53 38.13 -14.93
N GLU B 143 -14.23 38.29 -16.06
CA GLU B 143 -15.57 38.93 -16.09
C GLU B 143 -16.52 38.18 -15.14
N TYR B 144 -16.44 36.84 -15.06
CA TYR B 144 -17.29 36.08 -14.11
C TYR B 144 -17.17 36.71 -12.73
N PHE B 145 -15.95 36.90 -12.24
CA PHE B 145 -15.74 37.30 -10.83
C PHE B 145 -16.10 38.77 -10.65
N ILE B 146 -15.68 39.62 -11.57
CA ILE B 146 -16.03 41.07 -11.53
C ILE B 146 -17.56 41.21 -11.45
N LYS B 147 -18.28 40.48 -12.30
CA LYS B 147 -19.77 40.50 -12.30
C LYS B 147 -20.31 39.93 -10.98
N SER B 148 -19.72 38.84 -10.48
CA SER B 148 -20.16 38.16 -9.24
C SER B 148 -19.97 39.08 -8.03
N GLU B 149 -18.82 39.72 -7.91
CA GLU B 149 -18.49 40.56 -6.73
C GLU B 149 -19.49 41.73 -6.69
N ALA B 150 -19.99 42.13 -7.85
CA ALA B 150 -20.95 43.25 -8.03
C ALA B 150 -22.39 42.74 -7.83
N ARG B 151 -22.58 41.44 -7.59
CA ARG B 151 -23.92 40.79 -7.48
C ARG B 151 -24.71 41.03 -8.77
N GLU B 152 -24.02 41.04 -9.92
CA GLU B 152 -24.68 41.16 -11.24
C GLU B 152 -25.62 39.97 -11.43
N PRO B 153 -26.87 40.23 -11.89
CA PRO B 153 -27.78 39.17 -12.31
C PRO B 153 -27.07 38.15 -13.21
N GLY B 154 -27.17 36.86 -12.85
CA GLY B 154 -26.58 35.74 -13.58
C GLY B 154 -25.23 35.31 -13.00
N TYR B 155 -24.61 36.14 -12.17
CA TYR B 155 -23.22 35.90 -11.69
C TYR B 155 -23.11 36.01 -10.19
N GLU B 156 -24.12 36.54 -9.49
CA GLU B 156 -24.04 36.74 -8.02
C GLU B 156 -23.58 35.43 -7.35
N ASN B 157 -24.12 34.28 -7.77
CA ASN B 157 -23.91 32.98 -7.10
C ASN B 157 -23.00 32.09 -7.96
N PHE B 158 -22.17 32.70 -8.80
CA PHE B 158 -21.26 31.97 -9.70
C PHE B 158 -20.10 31.38 -8.89
N PHE B 159 -19.76 32.01 -7.77
CA PHE B 159 -18.69 31.60 -6.84
C PHE B 159 -19.30 31.31 -5.49
N ILE B 160 -18.49 30.81 -4.57
CA ILE B 160 -18.91 30.51 -3.18
C ILE B 160 -18.67 31.77 -2.34
N TRP B 161 -19.77 32.41 -1.95
CA TRP B 161 -19.79 33.65 -1.13
C TRP B 161 -20.43 33.32 0.21
N ALA B 162 -19.81 33.71 1.32
CA ALA B 162 -20.29 33.33 2.66
C ALA B 162 -20.21 34.53 3.60
N ASP B 163 -21.12 34.59 4.56
CA ASP B 163 -21.08 35.61 5.63
C ASP B 163 -20.02 35.21 6.64
N PRO B 164 -19.51 36.17 7.43
CA PRO B 164 -18.70 35.83 8.59
C PRO B 164 -19.44 34.82 9.46
N LEU B 165 -18.70 33.96 10.16
CA LEU B 165 -19.27 33.12 11.25
C LEU B 165 -19.67 34.07 12.38
N PRO B 166 -20.95 34.05 12.82
CA PRO B 166 -21.39 34.94 13.90
C PRO B 166 -20.46 34.80 15.12
N ASN B 167 -20.03 35.95 15.67
CA ASN B 167 -19.11 36.03 16.84
C ASN B 167 -19.81 36.79 17.95
N PRO B 168 -20.82 36.21 18.64
CA PRO B 168 -21.58 36.94 19.66
C PRO B 168 -20.71 37.38 20.85
N GLU B 169 -19.61 36.66 21.12
CA GLU B 169 -18.71 36.88 22.28
C GLU B 169 -17.80 38.09 22.05
N ASN B 170 -17.35 38.32 20.81
CA ASN B 170 -16.56 39.52 20.39
C ASN B 170 -17.16 40.10 19.12
N PRO B 171 -18.32 40.79 19.20
CA PRO B 171 -19.08 41.19 18.02
C PRO B 171 -18.30 42.00 16.96
N GLY B 172 -17.25 42.72 17.37
CA GLY B 172 -16.44 43.59 16.50
C GLY B 172 -15.29 42.84 15.82
N VAL B 173 -15.09 41.56 16.19
CA VAL B 173 -14.04 40.66 15.59
C VAL B 173 -14.72 39.78 14.54
N ARG B 174 -14.42 40.00 13.27
CA ARG B 174 -14.99 39.24 12.13
C ARG B 174 -14.29 37.89 12.03
N LEU B 175 -15.07 36.79 12.02
CA LEU B 175 -14.57 35.40 11.89
C LEU B 175 -14.83 34.92 10.47
N PRO B 176 -13.89 34.17 9.84
CA PRO B 176 -14.18 33.57 8.55
C PRO B 176 -15.25 32.50 8.70
N PRO B 177 -15.95 32.12 7.61
CA PRO B 177 -17.02 31.13 7.66
C PRO B 177 -16.63 29.77 8.28
N SER B 178 -15.36 29.39 8.10
CA SER B 178 -14.82 28.12 8.62
C SER B 178 -13.29 28.20 8.64
N ASN B 179 -12.66 27.15 9.18
CA ASN B 179 -11.20 27.06 9.39
C ASN B 179 -10.50 26.58 8.12
N TRP B 180 -11.19 26.56 6.98
CA TRP B 180 -10.66 25.94 5.74
C TRP B 180 -9.36 26.62 5.33
N VAL B 181 -8.38 25.81 4.93
CA VAL B 181 -7.00 26.28 4.62
C VAL B 181 -6.79 26.14 3.12
N SER B 182 -6.25 27.19 2.50
CA SER B 182 -5.82 27.24 1.09
C SER B 182 -4.67 26.26 0.85
N GLN B 183 -4.68 25.64 -0.32
CA GLN B 183 -3.53 24.82 -0.80
C GLN B 183 -2.25 25.66 -0.86
N PHE B 184 -2.34 26.98 -1.00
CA PHE B 184 -1.15 27.87 -1.09
C PHE B 184 -0.98 28.62 0.24
N GLY B 185 -1.60 28.13 1.31
CA GLY B 185 -1.38 28.67 2.66
C GLY B 185 -2.37 29.77 2.99
N GLY B 186 -2.58 30.00 4.28
CA GLY B 186 -3.54 31.00 4.75
C GLY B 186 -4.97 30.48 4.61
N SER B 187 -5.92 31.32 5.00
CA SER B 187 -7.36 30.98 4.96
C SER B 187 -7.76 30.74 3.51
N ALA B 188 -8.69 29.82 3.28
CA ALA B 188 -9.36 29.61 1.98
C ALA B 188 -10.49 30.66 1.80
N TRP B 189 -10.68 31.56 2.76
CA TRP B 189 -11.70 32.62 2.67
C TRP B 189 -11.04 34.00 2.60
N GLU B 190 -11.40 34.76 1.55
CA GLU B 190 -10.96 36.16 1.35
C GLU B 190 -12.16 37.09 1.53
N TRP B 191 -12.00 38.10 2.38
CA TRP B 191 -13.01 39.16 2.58
C TRP B 191 -13.05 40.07 1.36
N SER B 192 -14.24 40.28 0.80
CA SER B 192 -14.53 41.29 -0.24
C SER B 192 -15.17 42.53 0.42
N GLU B 193 -14.44 43.64 0.47
CA GLU B 193 -15.00 44.92 1.01
C GLU B 193 -16.20 45.34 0.16
N LYS B 194 -16.12 45.16 -1.16
CA LYS B 194 -17.18 45.59 -2.09
C LYS B 194 -18.46 44.84 -1.75
N ARG B 195 -18.37 43.52 -1.65
CA ARG B 195 -19.55 42.65 -1.49
C ARG B 195 -19.92 42.46 0.00
N GLN B 196 -19.00 42.76 0.92
CA GLN B 196 -19.15 42.54 2.38
C GLN B 196 -19.49 41.06 2.62
N GLN B 197 -18.77 40.17 1.93
CA GLN B 197 -18.81 38.71 2.17
C GLN B 197 -17.43 38.16 1.85
N TYR B 198 -17.19 36.96 2.35
CA TYR B 198 -16.00 36.14 2.03
C TYR B 198 -16.28 35.36 0.74
N TYR B 199 -15.28 35.23 -0.12
CA TYR B 199 -15.31 34.23 -1.22
C TYR B 199 -14.29 33.14 -0.92
N LEU B 200 -14.58 31.95 -1.45
CA LEU B 200 -13.74 30.75 -1.29
C LEU B 200 -12.63 30.75 -2.34
N HIS B 201 -11.40 30.50 -1.88
CA HIS B 201 -10.28 30.21 -2.79
C HIS B 201 -9.50 29.04 -2.20
N GLN B 202 -9.64 27.86 -2.79
CA GLN B 202 -8.86 26.69 -2.34
C GLN B 202 -7.40 26.88 -2.80
N PHE B 203 -7.16 27.70 -3.82
CA PHE B 203 -5.80 28.02 -4.31
C PHE B 203 -5.44 29.44 -3.91
N ALA B 204 -4.84 30.24 -4.78
CA ALA B 204 -4.42 31.63 -4.46
C ALA B 204 -5.66 32.49 -4.17
N ILE B 205 -5.46 33.60 -3.47
CA ILE B 205 -6.51 34.64 -3.28
C ILE B 205 -7.13 35.01 -4.63
N GLN B 206 -6.33 35.04 -5.71
CA GLN B 206 -6.77 35.47 -7.07
C GLN B 206 -7.47 34.34 -7.84
N GLN B 207 -7.53 33.12 -7.27
CA GLN B 207 -8.19 31.95 -7.92
C GLN B 207 -9.49 31.64 -7.17
N VAL B 208 -10.62 32.03 -7.75
CA VAL B 208 -11.90 32.08 -6.99
C VAL B 208 -12.71 30.84 -7.36
N ASP B 209 -13.12 30.06 -6.36
CA ASP B 209 -13.80 28.75 -6.56
C ASP B 209 -15.21 28.99 -7.10
N PHE B 210 -15.50 28.42 -8.27
CA PHE B 210 -16.88 28.42 -8.82
C PHE B 210 -17.78 27.61 -7.88
N ASP B 211 -19.06 27.94 -7.87
CA ASP B 211 -20.08 27.12 -7.18
C ASP B 211 -20.56 26.03 -8.16
N PHE B 212 -20.11 24.80 -7.97
CA PHE B 212 -20.44 23.68 -8.90
C PHE B 212 -21.81 23.07 -8.58
N ARG B 213 -22.56 23.65 -7.64
CA ARG B 213 -24.00 23.34 -7.48
C ARG B 213 -24.84 24.31 -8.32
N ASN B 214 -24.20 25.25 -8.99
CA ASN B 214 -24.87 26.24 -9.87
C ASN B 214 -25.01 25.69 -11.28
N PRO B 215 -26.24 25.44 -11.76
CA PRO B 215 -26.45 24.94 -13.11
C PRO B 215 -25.84 25.85 -14.19
N ALA B 216 -25.74 27.16 -13.94
CA ALA B 216 -25.17 28.13 -14.90
C ALA B 216 -23.65 27.99 -14.96
N VAL B 217 -23.00 27.66 -13.84
CA VAL B 217 -21.55 27.35 -13.81
C VAL B 217 -21.33 26.07 -14.63
N LYS B 218 -22.13 25.03 -14.39
CA LYS B 218 -21.95 23.74 -15.11
C LYS B 218 -22.18 23.98 -16.59
N GLN B 219 -23.18 24.80 -16.96
CA GLN B 219 -23.46 25.08 -18.39
C GLN B 219 -22.27 25.85 -18.98
N GLU B 220 -21.71 26.81 -18.25
CA GLU B 220 -20.55 27.60 -18.73
C GLU B 220 -19.38 26.64 -19.04
N MET B 221 -19.17 25.61 -18.23
CA MET B 221 -18.09 24.61 -18.48
C MET B 221 -18.36 23.90 -19.82
N PHE B 222 -19.61 23.52 -20.13
CA PHE B 222 -19.95 22.92 -21.44
C PHE B 222 -19.63 23.96 -22.52
N ASN B 223 -19.98 25.22 -22.30
CA ASN B 223 -19.80 26.31 -23.29
C ASN B 223 -18.30 26.47 -23.62
N ILE B 224 -17.45 26.42 -22.60
CA ILE B 224 -15.97 26.53 -22.79
C ILE B 224 -15.48 25.32 -23.61
N MET B 225 -15.84 24.11 -23.20
CA MET B 225 -15.38 22.91 -23.91
C MET B 225 -15.88 22.96 -25.35
N LYS B 226 -17.15 23.30 -25.58
CA LYS B 226 -17.72 23.31 -26.95
C LYS B 226 -16.91 24.29 -27.82
N PHE B 227 -16.56 25.46 -27.30
CA PHE B 227 -15.82 26.49 -28.06
C PHE B 227 -14.50 25.91 -28.58
N TRP B 228 -13.74 25.28 -27.70
CA TRP B 228 -12.38 24.78 -28.04
C TRP B 228 -12.49 23.51 -28.88
N LEU B 229 -13.48 22.63 -28.62
CA LEU B 229 -13.74 21.48 -29.52
C LEU B 229 -14.07 22.00 -30.93
N ASP B 230 -14.91 23.04 -31.02
CA ASP B 230 -15.31 23.64 -32.32
C ASP B 230 -14.06 24.16 -33.04
N LYS B 231 -13.10 24.74 -32.31
CA LYS B 231 -11.80 25.21 -32.87
C LYS B 231 -10.99 24.02 -33.43
N GLY B 232 -11.20 22.81 -32.88
CA GLY B 232 -10.54 21.58 -33.34
C GLY B 232 -9.66 20.92 -32.30
N ALA B 233 -9.72 21.34 -31.03
CA ALA B 233 -9.02 20.64 -29.94
C ALA B 233 -9.48 19.17 -29.92
N ASP B 234 -8.56 18.24 -29.65
CA ASP B 234 -8.86 16.79 -29.65
C ASP B 234 -9.32 16.33 -28.26
N GLY B 235 -9.32 17.23 -27.29
CA GLY B 235 -9.85 16.93 -25.95
C GLY B 235 -9.24 17.83 -24.91
N PHE B 236 -9.44 17.45 -23.65
CA PHE B 236 -9.09 18.29 -22.48
C PHE B 236 -8.40 17.47 -21.42
N ARG B 237 -7.48 18.14 -20.72
CA ARG B 237 -7.00 17.72 -19.38
C ARG B 237 -7.69 18.66 -18.41
N LEU B 238 -8.42 18.14 -17.42
CA LEU B 238 -9.15 19.01 -16.47
C LEU B 238 -8.53 18.89 -15.07
N ASP B 239 -8.09 20.04 -14.54
CA ASP B 239 -7.21 20.18 -13.35
C ASP B 239 -8.03 20.32 -12.07
N ALA B 240 -7.48 19.84 -10.95
CA ALA B 240 -7.88 20.20 -9.58
C ALA B 240 -9.30 19.70 -9.28
N LEU B 241 -9.70 18.57 -9.87
CA LEU B 241 -11.10 18.10 -9.73
C LEU B 241 -11.46 17.70 -8.30
N PRO B 242 -10.52 17.18 -7.46
CA PRO B 242 -10.88 16.84 -6.08
C PRO B 242 -11.48 18.03 -5.29
N TYR B 243 -11.19 19.27 -5.70
CA TYR B 243 -11.61 20.48 -4.97
C TYR B 243 -12.90 21.07 -5.54
N LEU B 244 -13.57 20.43 -6.52
CA LEU B 244 -14.72 21.07 -7.18
C LEU B 244 -15.73 21.48 -6.11
N ILE B 245 -16.17 20.52 -5.30
CA ILE B 245 -17.35 20.71 -4.41
C ILE B 245 -16.95 20.64 -2.95
N GLU B 246 -17.53 21.54 -2.15
CA GLU B 246 -17.31 21.59 -0.68
C GLU B 246 -18.67 21.40 -0.01
N ALA B 247 -18.65 21.15 1.29
CA ALA B 247 -19.86 20.88 2.07
C ALA B 247 -20.88 22.00 1.84
N ASP B 248 -22.13 21.64 1.68
CA ASP B 248 -23.29 22.57 1.61
C ASP B 248 -23.65 22.98 3.03
N PRO B 249 -23.65 24.28 3.36
CA PRO B 249 -24.07 24.74 4.69
C PRO B 249 -25.46 24.23 5.10
N ALA B 250 -26.32 23.93 4.14
CA ALA B 250 -27.67 23.35 4.39
C ALA B 250 -27.55 22.03 5.18
N ASP B 251 -26.43 21.30 5.04
CA ASP B 251 -26.19 19.99 5.71
C ASP B 251 -25.52 20.23 7.08
N HIS B 252 -25.21 21.47 7.44
CA HIS B 252 -24.44 21.78 8.68
C HIS B 252 -25.10 22.94 9.44
N GLU B 253 -26.44 22.94 9.51
CA GLU B 253 -27.22 23.90 10.32
C GLU B 253 -26.95 25.34 9.84
N GLY B 254 -26.70 25.55 8.54
CA GLY B 254 -26.59 26.89 7.94
C GLY B 254 -25.21 27.51 8.09
N ARG B 255 -24.18 26.72 8.43
CA ARG B 255 -22.78 27.22 8.41
C ARG B 255 -21.94 26.27 7.57
N TYR B 256 -20.80 26.77 7.09
CA TYR B 256 -19.74 25.94 6.47
C TYR B 256 -19.05 25.23 7.62
N PRO B 257 -19.01 23.89 7.61
CA PRO B 257 -18.43 23.13 8.72
C PRO B 257 -16.91 23.28 8.69
N ASP B 258 -16.30 23.47 9.86
CA ASP B 258 -14.84 23.38 10.01
C ASP B 258 -14.37 22.02 9.50
N ASP B 259 -13.28 22.00 8.75
CA ASP B 259 -12.57 20.74 8.47
C ASP B 259 -12.01 20.20 9.78
N PRO B 260 -11.99 18.88 9.98
CA PRO B 260 -11.36 18.30 11.16
C PRO B 260 -9.90 18.75 11.23
N LEU B 261 -9.38 18.86 12.46
CA LEU B 261 -7.96 19.22 12.71
C LEU B 261 -7.10 17.96 12.55
N SER B 262 -5.93 18.09 11.90
CA SER B 262 -4.93 17.00 11.79
C SER B 262 -4.38 16.69 13.18
N GLY B 263 -4.34 17.68 14.06
CA GLY B 263 -3.73 17.60 15.41
C GLY B 263 -2.23 17.34 15.32
N LEU B 264 -1.58 17.72 14.22
CA LEU B 264 -0.11 17.66 14.08
C LEU B 264 0.50 18.93 14.68
N THR B 265 1.44 18.76 15.60
CA THR B 265 2.09 19.86 16.36
C THR B 265 2.76 20.87 15.41
N GLN B 266 3.18 20.44 14.22
CA GLN B 266 4.08 21.26 13.35
C GLN B 266 3.28 22.28 12.52
N PHE B 267 1.95 22.27 12.57
CA PHE B 267 1.11 23.21 11.78
C PHE B 267 0.24 24.08 12.68
N GLU B 268 0.25 25.38 12.40
CA GLU B 268 -0.72 26.35 12.95
C GLU B 268 -1.83 26.60 11.91
N SER B 269 -2.83 27.38 12.29
CA SER B 269 -4.13 27.50 11.58
C SER B 269 -3.99 28.09 10.17
N HIS B 270 -2.89 28.77 9.85
CA HIS B 270 -2.62 29.38 8.52
C HIS B 270 -1.80 28.43 7.63
N GLN B 271 -1.47 27.23 8.12
CA GLN B 271 -0.51 26.32 7.44
C GLN B 271 -1.27 25.11 6.87
N LEU B 272 -1.06 24.84 5.59
CA LEU B 272 -1.57 23.62 4.95
C LEU B 272 -1.06 22.41 5.74
N GLY B 273 -1.97 21.54 6.18
CA GLY B 273 -1.69 20.37 7.04
C GLY B 273 -2.39 20.49 8.38
N TYR B 274 -2.86 21.70 8.72
CA TYR B 274 -3.59 21.98 9.98
C TYR B 274 -4.92 21.24 9.99
N THR B 275 -5.52 21.05 8.82
CA THR B 275 -6.85 20.41 8.67
C THR B 275 -6.76 19.14 7.83
N ILE B 276 -7.76 18.28 7.99
CA ILE B 276 -8.04 17.13 7.08
C ILE B 276 -9.20 17.57 6.21
N PRO B 277 -9.08 17.58 4.86
CA PRO B 277 -10.09 18.20 3.99
C PRO B 277 -11.35 17.35 3.77
N LEU B 278 -11.96 16.90 4.85
CA LEU B 278 -13.18 16.05 4.85
C LEU B 278 -14.32 16.77 4.13
N TYR B 279 -14.49 18.07 4.35
CA TYR B 279 -15.61 18.87 3.79
C TYR B 279 -15.21 19.65 2.54
N THR B 280 -13.96 19.53 2.08
CA THR B 280 -13.42 20.46 1.05
C THR B 280 -12.77 19.71 -0.11
N LYS B 281 -12.73 18.39 -0.06
CA LYS B 281 -12.04 17.61 -1.11
C LYS B 281 -12.67 16.22 -1.23
N ASP B 282 -12.77 15.75 -2.46
CA ASP B 282 -13.20 14.37 -2.79
C ASP B 282 -14.67 14.17 -2.42
N LEU B 283 -15.48 15.22 -2.43
CA LEU B 283 -16.93 15.04 -2.18
C LEU B 283 -17.53 14.24 -3.33
N ILE B 284 -18.38 13.28 -3.01
CA ILE B 284 -18.96 12.33 -4.00
C ILE B 284 -19.68 13.10 -5.11
N GLU B 285 -20.24 14.26 -4.80
CA GLU B 285 -20.94 15.10 -5.81
C GLU B 285 -20.01 15.53 -6.96
N LEU B 286 -18.71 15.70 -6.72
CA LEU B 286 -17.80 16.18 -7.80
C LEU B 286 -17.87 15.19 -8.98
N TYR B 287 -18.04 13.89 -8.71
CA TYR B 287 -17.97 12.85 -9.76
C TYR B 287 -19.18 12.97 -10.69
N ASP B 288 -20.32 13.42 -10.18
CA ASP B 288 -21.52 13.62 -11.01
C ASP B 288 -21.23 14.71 -12.05
N VAL B 289 -20.44 15.73 -11.69
CA VAL B 289 -20.07 16.80 -12.67
C VAL B 289 -19.21 16.15 -13.76
N VAL B 290 -18.25 15.32 -13.35
CA VAL B 290 -17.35 14.62 -14.31
C VAL B 290 -18.20 13.73 -15.24
N TYR B 291 -19.16 12.98 -14.71
CA TYR B 291 -19.97 12.05 -15.53
C TYR B 291 -20.79 12.89 -16.53
N GLU B 292 -21.25 14.08 -16.12
CA GLU B 292 -21.96 15.02 -17.02
C GLU B 292 -21.02 15.51 -18.12
N TRP B 293 -19.75 15.76 -17.79
CA TRP B 293 -18.75 16.16 -18.83
C TRP B 293 -18.62 15.03 -19.85
N ARG B 294 -18.58 13.79 -19.37
CA ARG B 294 -18.40 12.64 -20.28
C ARG B 294 -19.63 12.50 -21.18
N GLU B 295 -20.83 12.69 -20.61
CA GLU B 295 -22.12 12.67 -21.35
C GLU B 295 -22.05 13.70 -22.49
N PHE B 296 -21.61 14.91 -22.16
CA PHE B 296 -21.49 16.06 -23.10
C PHE B 296 -20.51 15.68 -24.22
N LEU B 297 -19.37 15.10 -23.86
CA LEU B 297 -18.31 14.75 -24.82
C LEU B 297 -18.81 13.61 -25.72
N ASP B 298 -19.49 12.63 -25.13
CA ASP B 298 -20.07 11.48 -25.88
C ASP B 298 -21.04 12.04 -26.92
N GLU B 299 -21.88 13.00 -26.53
CA GLU B 299 -22.90 13.63 -27.42
C GLU B 299 -22.15 14.42 -28.52
N TYR B 300 -21.14 15.19 -28.15
CA TYR B 300 -20.31 15.95 -29.12
C TYR B 300 -19.70 14.98 -30.15
N ASN B 301 -19.12 13.87 -29.70
CA ASN B 301 -18.44 12.90 -30.61
C ASN B 301 -19.46 12.30 -31.58
N LYS B 302 -20.64 11.95 -31.07
CA LYS B 302 -21.75 11.37 -31.88
C LYS B 302 -22.12 12.37 -32.99
N ASN B 303 -22.12 13.67 -32.67
CA ASN B 303 -22.68 14.75 -33.53
C ASN B 303 -21.59 15.34 -34.44
N HIS B 304 -20.33 14.93 -34.30
CA HIS B 304 -19.23 15.53 -35.09
C HIS B 304 -18.41 14.46 -35.80
N GLY B 305 -18.40 13.23 -35.27
CA GLY B 305 -17.64 12.12 -35.88
C GLY B 305 -16.17 12.47 -35.93
N GLY B 306 -15.42 11.93 -36.90
CA GLY B 306 -13.95 11.95 -36.88
C GLY B 306 -13.46 11.29 -35.61
N ASP B 307 -12.22 11.54 -35.20
CA ASP B 307 -11.59 10.78 -34.10
C ASP B 307 -12.19 11.25 -32.76
N THR B 308 -12.27 10.33 -31.82
CA THR B 308 -12.90 10.55 -30.49
C THR B 308 -12.20 11.73 -29.83
N ARG B 309 -12.96 12.69 -29.31
CA ARG B 309 -12.45 13.74 -28.41
C ARG B 309 -12.57 13.24 -26.98
N VAL B 310 -11.56 13.51 -26.16
CA VAL B 310 -11.39 12.81 -24.85
C VAL B 310 -11.26 13.81 -23.71
N VAL B 311 -11.49 13.34 -22.50
CA VAL B 311 -11.14 14.12 -21.27
C VAL B 311 -10.30 13.19 -20.40
N PHE B 312 -9.13 13.68 -20.01
CA PHE B 312 -8.25 13.04 -19.01
C PHE B 312 -8.30 13.91 -17.76
N SER B 313 -8.68 13.35 -16.62
CA SER B 313 -8.88 14.13 -15.37
C SER B 313 -7.61 14.11 -14.54
N GLN B 314 -7.34 15.22 -13.86
CA GLN B 314 -6.26 15.32 -12.85
C GLN B 314 -6.89 15.46 -11.45
N GLY B 315 -6.41 14.65 -10.53
CA GLY B 315 -6.72 14.73 -9.10
C GLY B 315 -5.75 13.84 -8.35
N TYR B 316 -5.14 14.39 -7.30
CA TYR B 316 -4.34 13.62 -6.32
C TYR B 316 -5.28 13.21 -5.18
N ALA B 317 -5.56 11.92 -5.12
CA ALA B 317 -6.49 11.32 -4.16
C ALA B 317 -6.09 9.87 -3.92
N ASN B 318 -6.71 9.24 -2.94
CA ASN B 318 -6.49 7.79 -2.66
C ASN B 318 -7.04 6.98 -3.83
N VAL B 319 -6.70 5.70 -3.88
CA VAL B 319 -6.99 4.87 -5.08
C VAL B 319 -8.52 4.80 -5.32
N SER B 320 -9.32 4.61 -4.27
CA SER B 320 -10.80 4.50 -4.39
C SER B 320 -11.36 5.77 -5.03
N MET B 321 -10.97 6.94 -4.50
CA MET B 321 -11.43 8.27 -4.99
C MET B 321 -10.90 8.48 -6.41
N THR B 322 -9.69 8.02 -6.71
CA THR B 322 -9.11 8.16 -8.06
C THR B 322 -9.92 7.32 -9.05
N MET B 323 -10.28 6.09 -8.73
CA MET B 323 -10.94 5.19 -9.71
C MET B 323 -12.37 5.67 -10.01
N LEU B 324 -13.00 6.44 -9.11
CA LEU B 324 -14.38 6.98 -9.36
C LEU B 324 -14.37 7.96 -10.54
N TYR B 325 -13.21 8.48 -10.93
CA TYR B 325 -13.12 9.36 -12.13
C TYR B 325 -13.41 8.55 -13.39
N TYR B 326 -13.11 7.26 -13.42
CA TYR B 326 -13.43 6.40 -14.60
C TYR B 326 -14.94 6.23 -14.75
N GLY B 327 -15.67 6.26 -13.64
CA GLY B 327 -17.08 5.84 -13.57
C GLY B 327 -17.36 5.12 -12.26
N ASN B 328 -18.53 4.53 -12.11
CA ASN B 328 -18.84 3.79 -10.86
C ASN B 328 -19.56 2.49 -11.24
N GLU B 329 -19.80 1.63 -10.25
CA GLU B 329 -20.33 0.29 -10.55
C GLU B 329 -21.87 0.35 -10.57
N ASP B 330 -22.46 1.56 -10.52
CA ASP B 330 -23.87 1.84 -10.89
C ASP B 330 -23.99 2.12 -12.40
N GLY B 331 -22.89 2.12 -13.16
CA GLY B 331 -22.91 2.28 -14.63
C GLY B 331 -22.50 3.68 -15.09
N ALA B 332 -22.23 4.61 -14.18
CA ALA B 332 -21.75 5.96 -14.57
C ALA B 332 -20.40 5.82 -15.29
N ILE B 333 -20.18 6.66 -16.29
CA ILE B 333 -18.93 6.68 -17.09
C ILE B 333 -18.36 8.09 -16.95
N GLY B 334 -17.08 8.19 -16.61
CA GLY B 334 -16.41 9.48 -16.37
C GLY B 334 -15.32 9.75 -17.38
N ALA B 335 -14.19 10.27 -16.90
CA ALA B 335 -13.04 10.60 -17.78
C ALA B 335 -12.61 9.35 -18.52
N HIS B 336 -12.14 9.52 -19.74
CA HIS B 336 -11.47 8.46 -20.54
C HIS B 336 -10.41 7.81 -19.65
N PHE B 337 -9.69 8.61 -18.87
CA PHE B 337 -9.02 8.10 -17.65
C PHE B 337 -8.67 9.25 -16.73
N PRO B 338 -8.58 8.96 -15.42
CA PRO B 338 -7.85 9.80 -14.48
C PRO B 338 -6.36 9.52 -14.63
N PHE B 339 -5.54 10.55 -14.51
CA PHE B 339 -4.06 10.38 -14.48
C PHE B 339 -3.68 9.54 -13.25
N ASN B 340 -2.74 8.65 -13.50
CA ASN B 340 -2.07 7.77 -12.50
C ASN B 340 -0.77 8.44 -12.07
N PHE B 341 -0.73 9.00 -10.87
CA PHE B 341 0.47 9.71 -10.36
C PHE B 341 1.31 8.81 -9.46
N ASP B 342 1.11 7.49 -9.50
CA ASP B 342 1.77 6.57 -8.53
C ASP B 342 3.29 6.65 -8.63
N PHE B 343 3.85 6.89 -9.82
CA PHE B 343 5.33 7.00 -10.01
C PHE B 343 5.86 8.32 -9.46
N ILE B 344 4.98 9.29 -9.17
CA ILE B 344 5.33 10.56 -8.46
C ILE B 344 5.13 10.38 -6.96
N THR B 345 4.00 9.81 -6.53
CA THR B 345 3.55 9.86 -5.11
C THR B 345 4.06 8.67 -4.30
N ASP B 346 4.21 7.48 -4.91
CA ASP B 346 4.43 6.23 -4.13
C ASP B 346 5.75 5.54 -4.45
N LEU B 347 6.50 6.01 -5.43
CA LEU B 347 7.83 5.45 -5.78
C LEU B 347 8.84 6.60 -5.85
N SER B 348 10.08 6.29 -5.53
CA SER B 348 11.22 7.25 -5.57
C SER B 348 12.50 6.45 -5.58
N SER B 349 13.63 7.14 -5.39
CA SER B 349 14.95 6.47 -5.17
C SER B 349 14.95 5.63 -3.89
N LYS B 350 13.95 5.75 -3.02
CA LYS B 350 13.87 4.90 -1.79
C LYS B 350 13.29 3.52 -2.13
N SER B 351 12.72 3.35 -3.32
CA SER B 351 11.88 2.18 -3.70
C SER B 351 12.78 1.05 -4.18
N ASN B 352 12.43 -0.19 -3.85
CA ASN B 352 13.14 -1.36 -4.41
C ASN B 352 12.26 -1.98 -5.50
N ALA B 353 12.71 -3.08 -6.08
CA ALA B 353 12.04 -3.73 -7.22
C ALA B 353 10.67 -4.22 -6.81
N ARG B 354 10.52 -4.68 -5.57
CA ARG B 354 9.23 -5.18 -5.06
C ARG B 354 8.25 -4.00 -4.95
N ASP B 355 8.72 -2.84 -4.48
CA ASP B 355 7.90 -1.62 -4.42
C ASP B 355 7.42 -1.24 -5.84
N PHE B 356 8.31 -1.24 -6.82
CA PHE B 356 7.95 -0.93 -8.23
C PHE B 356 6.80 -1.83 -8.67
N VAL B 357 6.98 -3.13 -8.51
CA VAL B 357 5.97 -4.12 -8.99
C VAL B 357 4.65 -3.89 -8.24
N TYR B 358 4.72 -3.75 -6.91
CA TYR B 358 3.52 -3.67 -6.06
C TYR B 358 2.73 -2.39 -6.38
N ILE B 359 3.41 -1.28 -6.67
CA ILE B 359 2.74 0.00 -7.04
C ILE B 359 2.19 -0.11 -8.46
N ILE B 360 2.94 -0.68 -9.41
CA ILE B 360 2.39 -0.94 -10.77
C ILE B 360 1.10 -1.76 -10.64
N LEU B 361 1.10 -2.80 -9.80
CA LEU B 361 -0.10 -3.65 -9.60
C LEU B 361 -1.27 -2.87 -9.00
N ARG B 362 -1.03 -1.76 -8.32
CA ARG B 362 -2.16 -1.05 -7.66
C ARG B 362 -3.12 -0.51 -8.72
N TRP B 363 -2.63 0.16 -9.76
CA TRP B 363 -3.54 0.70 -10.80
C TRP B 363 -4.26 -0.47 -11.48
N LEU B 364 -3.51 -1.54 -11.79
CA LEU B 364 -4.07 -2.67 -12.55
C LEU B 364 -5.09 -3.42 -11.70
N THR B 365 -4.91 -3.45 -10.39
CA THR B 365 -5.83 -4.20 -9.47
C THR B 365 -7.09 -3.36 -9.28
N TYR B 366 -6.98 -2.04 -9.13
CA TYR B 366 -8.12 -1.19 -8.75
C TYR B 366 -8.88 -0.63 -9.94
N MET B 367 -8.26 -0.58 -11.11
CA MET B 367 -8.89 0.00 -12.32
C MET B 367 -10.13 -0.81 -12.67
N PRO B 368 -11.23 -0.16 -13.09
CA PRO B 368 -12.43 -0.89 -13.49
C PRO B 368 -12.18 -1.75 -14.72
N TYR B 369 -12.94 -2.83 -14.86
CA TYR B 369 -13.04 -3.67 -16.08
C TYR B 369 -13.24 -2.73 -17.28
N GLY B 370 -12.35 -2.78 -18.27
CA GLY B 370 -12.43 -1.96 -19.50
C GLY B 370 -11.77 -0.60 -19.36
N GLY B 371 -11.31 -0.24 -18.16
CA GLY B 371 -10.46 0.94 -17.93
C GLY B 371 -9.15 0.86 -18.71
N ILE B 372 -8.72 1.99 -19.26
CA ILE B 372 -7.42 2.17 -19.94
C ILE B 372 -6.41 2.63 -18.89
N PRO B 373 -5.32 1.87 -18.68
CA PRO B 373 -4.27 2.30 -17.77
C PRO B 373 -3.44 3.43 -18.40
N ASN B 374 -2.85 4.25 -17.53
CA ASN B 374 -1.91 5.31 -17.97
C ASN B 374 -0.85 5.44 -16.90
N TRP B 375 0.26 6.05 -17.25
CA TRP B 375 1.46 6.09 -16.38
C TRP B 375 2.09 7.47 -16.49
N VAL B 376 2.20 8.17 -15.36
CA VAL B 376 2.76 9.55 -15.32
C VAL B 376 4.02 9.53 -14.45
N PHE B 377 5.12 10.08 -14.97
CA PHE B 377 6.43 10.06 -14.28
C PHE B 377 6.82 11.47 -13.84
N GLY B 378 6.04 12.48 -14.22
CA GLY B 378 6.39 13.86 -13.89
C GLY B 378 5.31 14.82 -14.33
N ASN B 379 5.41 16.04 -13.87
CA ASN B 379 4.60 17.17 -14.38
C ASN B 379 5.23 18.44 -13.82
N HIS B 380 4.60 19.58 -14.10
CA HIS B 380 5.10 20.92 -13.71
C HIS B 380 4.88 21.17 -12.23
N ASP B 381 4.23 20.26 -11.49
CA ASP B 381 3.95 20.42 -10.03
C ASP B 381 4.91 19.60 -9.16
N ASN B 382 5.79 18.81 -9.75
CA ASN B 382 6.59 17.83 -8.99
C ASN B 382 8.02 17.84 -9.50
N ASN B 383 8.93 17.31 -8.68
CA ASN B 383 10.36 17.24 -9.06
C ASN B 383 10.46 16.39 -10.33
N ARG B 384 11.46 16.66 -11.15
CA ARG B 384 11.68 15.88 -12.39
C ARG B 384 12.07 14.43 -12.04
N MET B 385 11.71 13.53 -12.94
CA MET B 385 11.86 12.06 -12.83
C MET B 385 13.26 11.69 -12.37
N PRO B 386 14.36 12.22 -12.97
CA PRO B 386 15.69 11.76 -12.58
C PRO B 386 16.09 12.27 -11.19
N THR B 387 15.46 13.34 -10.75
CA THR B 387 15.69 13.98 -9.42
C THR B 387 14.97 13.15 -8.36
N ARG B 388 13.73 12.74 -8.62
CA ARG B 388 12.95 11.93 -7.66
C ARG B 388 13.58 10.54 -7.51
N PHE B 389 14.02 9.95 -8.63
CA PHE B 389 14.73 8.65 -8.68
C PHE B 389 16.23 8.95 -8.66
N ARG B 390 16.94 8.46 -9.67
CA ARG B 390 18.39 8.73 -9.81
C ARG B 390 18.70 8.96 -11.29
N HIS B 391 19.79 9.67 -11.55
CA HIS B 391 20.25 9.99 -12.91
C HIS B 391 20.51 8.70 -13.69
N ASP B 392 20.90 7.61 -13.03
CA ASP B 392 21.25 6.33 -13.72
C ASP B 392 19.99 5.52 -14.04
N MET B 393 18.80 5.99 -13.68
CA MET B 393 17.52 5.25 -13.81
C MET B 393 16.64 5.78 -14.97
N VAL B 394 17.09 6.82 -15.68
CA VAL B 394 16.23 7.53 -16.67
C VAL B 394 15.69 6.54 -17.69
N ASP B 395 16.56 5.71 -18.26
CA ASP B 395 16.15 4.84 -19.39
C ASP B 395 15.15 3.82 -18.87
N GLY B 396 15.43 3.19 -17.74
CA GLY B 396 14.54 2.19 -17.14
C GLY B 396 13.16 2.78 -16.93
N LEU B 397 13.10 4.01 -16.44
CA LEU B 397 11.81 4.68 -16.13
C LEU B 397 11.06 4.92 -17.44
N ASN B 398 11.75 5.41 -18.48
CA ASN B 398 11.09 5.62 -19.80
C ASN B 398 10.67 4.25 -20.37
N ILE B 399 11.45 3.20 -20.15
CA ILE B 399 11.05 1.85 -20.66
C ILE B 399 9.77 1.41 -19.97
N ILE B 400 9.70 1.51 -18.64
CA ILE B 400 8.47 1.13 -17.89
C ILE B 400 7.31 1.87 -18.52
N ASN B 401 7.46 3.19 -18.68
CA ASN B 401 6.40 4.06 -19.24
C ASN B 401 5.91 3.48 -20.56
N MET B 402 6.84 3.11 -21.43
CA MET B 402 6.51 2.76 -22.83
C MET B 402 6.04 1.30 -22.93
N LEU B 403 6.45 0.42 -22.02
CA LEU B 403 6.18 -1.03 -22.16
C LEU B 403 4.97 -1.46 -21.33
N LEU B 404 4.58 -0.71 -20.30
CA LEU B 404 3.33 -1.05 -19.56
C LEU B 404 2.15 -0.92 -20.52
N PRO B 405 1.07 -1.69 -20.30
CA PRO B 405 -0.11 -1.59 -21.15
C PRO B 405 -0.71 -0.20 -21.01
N GLY B 406 -1.34 0.28 -22.08
CA GLY B 406 -2.13 1.51 -22.08
C GLY B 406 -1.31 2.70 -22.54
N VAL B 407 -1.45 3.82 -21.84
CA VAL B 407 -1.00 5.14 -22.32
C VAL B 407 0.27 5.54 -21.56
N ALA B 408 1.32 5.88 -22.32
CA ALA B 408 2.55 6.48 -21.77
C ALA B 408 2.37 7.99 -21.72
N VAL B 409 2.64 8.60 -20.57
CA VAL B 409 2.58 10.08 -20.42
C VAL B 409 4.00 10.54 -20.15
N THR B 410 4.46 11.51 -20.95
CA THR B 410 5.81 12.11 -20.83
C THR B 410 5.66 13.57 -20.46
N TYR B 411 6.41 14.02 -19.47
CA TYR B 411 6.52 15.46 -19.14
C TYR B 411 7.72 16.03 -19.86
N GLN B 412 7.52 17.15 -20.55
CA GLN B 412 8.59 17.99 -21.15
C GLN B 412 9.94 17.77 -20.45
N GLY B 413 10.91 17.19 -21.16
CA GLY B 413 12.28 17.01 -20.66
C GLY B 413 12.63 15.59 -20.27
N GLU B 414 11.64 14.75 -19.99
CA GLU B 414 11.89 13.34 -19.60
C GLU B 414 12.53 12.56 -20.76
N GLU B 415 12.22 12.94 -22.01
CA GLU B 415 12.76 12.28 -23.22
C GLU B 415 14.26 12.53 -23.35
N ILE B 416 14.82 13.54 -22.67
CA ILE B 416 16.30 13.79 -22.62
C ILE B 416 16.85 13.66 -21.19
N GLY B 417 16.03 13.23 -20.21
CA GLY B 417 16.49 13.06 -18.82
C GLY B 417 16.83 14.36 -18.13
N MET B 418 16.08 15.44 -18.40
CA MET B 418 16.29 16.72 -17.67
C MET B 418 16.12 16.50 -16.17
N ARG B 419 17.00 17.16 -15.42
CA ARG B 419 17.01 17.18 -13.93
C ARG B 419 16.40 18.48 -13.45
N ASP B 420 15.93 18.49 -12.20
CA ASP B 420 15.55 19.76 -11.54
C ASP B 420 16.67 20.77 -11.76
N GLY B 421 16.29 21.99 -12.12
CA GLY B 421 17.19 23.15 -12.18
C GLY B 421 17.29 23.81 -10.82
N TYR B 422 18.44 24.39 -10.52
CA TYR B 422 18.61 25.20 -9.30
C TYR B 422 17.86 26.51 -9.50
N VAL B 423 16.99 26.86 -8.56
CA VAL B 423 16.30 28.18 -8.54
C VAL B 423 16.50 28.77 -7.16
N SER B 424 17.19 29.91 -7.12
CA SER B 424 17.43 30.69 -5.88
C SER B 424 16.09 31.20 -5.36
N TRP B 425 16.03 31.57 -4.07
CA TRP B 425 14.88 32.33 -3.52
C TRP B 425 14.62 33.56 -4.38
N GLU B 426 15.70 34.29 -4.75
CA GLU B 426 15.60 35.55 -5.53
C GLU B 426 14.91 35.29 -6.88
N ASP B 427 15.12 34.12 -7.47
CA ASP B 427 14.63 33.78 -8.84
C ASP B 427 13.30 33.02 -8.76
N THR B 428 12.83 32.71 -7.54
CA THR B 428 11.59 31.91 -7.34
C THR B 428 10.38 32.77 -7.70
N VAL B 429 9.48 32.26 -8.55
CA VAL B 429 8.23 32.99 -8.92
C VAL B 429 6.97 32.15 -8.62
N ASP B 430 7.12 30.88 -8.27
CA ASP B 430 5.98 30.00 -7.90
C ASP B 430 5.22 30.63 -6.71
N ILE B 431 3.96 31.03 -6.92
CA ILE B 431 3.09 31.61 -5.86
C ILE B 431 3.04 30.68 -4.64
N GLU B 432 3.13 29.35 -4.83
CA GLU B 432 3.06 28.39 -3.68
C GLU B 432 4.25 28.66 -2.75
N ALA B 433 5.46 28.81 -3.30
CA ALA B 433 6.69 29.05 -2.52
C ALA B 433 6.70 30.47 -1.96
N CYS B 434 6.25 31.46 -2.73
CA CYS B 434 6.18 32.89 -2.29
C CYS B 434 5.19 33.00 -1.12
N ASN B 435 4.13 32.19 -1.10
CA ASN B 435 3.06 32.23 -0.07
C ASN B 435 3.45 31.39 1.16
N ARG B 436 4.00 30.19 0.96
CA ARG B 436 4.19 29.22 2.06
C ARG B 436 5.61 29.28 2.61
N GLY B 437 6.56 29.82 1.83
CA GLY B 437 7.99 29.67 2.10
C GLY B 437 8.66 30.97 2.48
N ASP B 438 9.95 30.87 2.76
CA ASP B 438 10.88 32.01 3.01
C ASP B 438 12.24 31.56 2.49
N PRO B 439 13.30 32.39 2.59
CA PRO B 439 14.62 32.00 2.06
C PRO B 439 15.13 30.63 2.52
N ASP B 440 14.73 30.18 3.71
CA ASP B 440 15.21 28.92 4.33
C ASP B 440 14.37 27.72 3.90
N THR B 441 13.07 27.90 3.64
CA THR B 441 12.10 26.78 3.47
C THR B 441 11.50 26.70 2.05
N TYR B 442 11.74 27.71 1.20
CA TYR B 442 11.03 27.90 -0.09
C TYR B 442 11.14 26.63 -0.95
N HIS B 443 12.28 25.94 -0.85
CA HIS B 443 12.60 24.75 -1.69
C HIS B 443 11.65 23.60 -1.36
N LEU B 444 11.04 23.58 -0.17
CA LEU B 444 10.10 22.50 0.25
C LEU B 444 8.82 22.60 -0.56
N TYR B 445 8.49 23.79 -1.08
CA TYR B 445 7.19 24.11 -1.74
C TYR B 445 7.38 24.40 -3.23
N SER B 446 8.48 25.02 -3.64
CA SER B 446 8.60 25.60 -5.00
C SER B 446 8.52 24.51 -6.08
N ARG B 447 7.74 24.79 -7.12
CA ARG B 447 7.59 23.89 -8.29
C ARG B 447 8.49 24.37 -9.44
N ASP B 448 9.18 25.49 -9.24
CA ASP B 448 10.03 26.14 -10.28
C ASP B 448 11.15 25.22 -10.76
N PRO B 449 11.81 24.39 -9.91
CA PRO B 449 12.89 23.53 -10.39
C PRO B 449 12.48 22.61 -11.56
N ALA B 450 11.21 22.25 -11.66
CA ALA B 450 10.72 21.34 -12.73
C ALA B 450 10.14 22.16 -13.89
N ARG B 451 10.22 23.48 -13.83
CA ARG B 451 9.68 24.40 -14.85
C ARG B 451 10.81 25.14 -15.56
N THR B 452 12.06 24.80 -15.30
CA THR B 452 13.17 25.53 -15.97
C THR B 452 13.12 25.24 -17.46
N PRO B 453 13.59 26.17 -18.30
CA PRO B 453 13.52 26.02 -19.76
C PRO B 453 14.09 24.71 -20.30
N TYR B 454 13.44 24.21 -21.35
CA TYR B 454 13.82 22.97 -22.07
C TYR B 454 15.20 23.14 -22.69
N HIS B 455 16.00 22.09 -22.59
CA HIS B 455 17.39 22.03 -23.12
C HIS B 455 17.38 21.54 -24.57
N TRP B 456 17.23 22.44 -25.54
CA TRP B 456 17.30 22.11 -26.99
C TRP B 456 18.74 21.80 -27.42
N ASP B 457 19.71 22.57 -26.94
CA ASP B 457 21.09 22.47 -27.46
C ASP B 457 22.03 23.15 -26.48
N ASN B 458 23.31 23.34 -26.85
CA ASN B 458 24.33 23.94 -25.96
C ASN B 458 24.50 25.44 -26.29
N SER B 459 23.60 26.03 -27.09
CA SER B 459 23.61 27.48 -27.42
C SER B 459 23.16 28.30 -26.19
N THR B 460 23.25 29.63 -26.28
CA THR B 460 22.76 30.57 -25.24
C THR B 460 21.42 30.03 -24.71
N SER B 461 21.29 29.87 -23.39
CA SER B 461 20.02 29.49 -22.71
C SER B 461 19.52 28.15 -23.26
N ALA B 462 20.44 27.25 -23.59
CA ALA B 462 20.16 25.88 -24.08
C ALA B 462 19.26 25.90 -25.33
N GLY B 463 19.26 26.99 -26.11
CA GLY B 463 18.44 27.06 -27.34
C GLY B 463 16.96 27.31 -27.04
N PHE B 464 16.59 27.45 -25.77
CA PHE B 464 15.19 27.79 -25.39
C PHE B 464 14.88 29.20 -25.89
N SER B 465 15.87 30.09 -25.74
CA SER B 465 15.80 31.53 -26.07
C SER B 465 17.12 31.96 -26.69
N THR B 466 17.09 33.00 -27.52
CA THR B 466 18.32 33.66 -28.01
C THR B 466 18.89 34.59 -26.92
N SER B 467 18.10 34.94 -25.91
CA SER B 467 18.51 35.84 -24.80
C SER B 467 19.05 35.04 -23.61
N THR B 468 20.00 35.61 -22.87
CA THR B 468 20.49 35.06 -21.58
C THR B 468 19.49 35.37 -20.45
N ASN B 469 18.49 36.21 -20.71
CA ASN B 469 17.37 36.52 -19.78
C ASN B 469 16.20 35.56 -20.05
N THR B 470 15.98 34.59 -19.16
CA THR B 470 14.87 33.59 -19.27
C THR B 470 14.02 33.69 -18.01
N TRP B 471 12.72 33.39 -18.12
CA TRP B 471 11.74 33.68 -17.05
C TRP B 471 12.05 32.88 -15.76
N LEU B 472 12.61 31.68 -15.93
CA LEU B 472 13.29 30.93 -14.85
C LEU B 472 14.70 30.62 -15.37
N PRO B 473 15.68 30.52 -14.46
CA PRO B 473 17.05 30.21 -14.85
C PRO B 473 17.14 28.85 -15.55
N VAL B 474 17.90 28.81 -16.63
CA VAL B 474 18.27 27.55 -17.33
C VAL B 474 19.14 26.74 -16.37
N ALA B 475 18.83 25.46 -16.19
CA ALA B 475 19.58 24.52 -15.33
C ALA B 475 21.06 24.54 -15.71
N GLU B 476 21.94 24.43 -14.72
CA GLU B 476 23.42 24.53 -14.90
C GLU B 476 23.97 23.37 -15.75
N ASP B 477 23.24 22.27 -15.93
CA ASP B 477 23.75 21.04 -16.62
C ASP B 477 23.36 21.01 -18.11
N TYR B 478 22.93 22.11 -18.71
CA TYR B 478 22.36 22.09 -20.08
C TYR B 478 23.44 21.70 -21.10
N GLN B 479 24.71 22.05 -20.87
CA GLN B 479 25.79 21.67 -21.82
C GLN B 479 25.96 20.13 -21.82
N GLU B 480 25.65 19.48 -20.70
CA GLU B 480 25.76 18.01 -20.54
C GLU B 480 24.46 17.34 -21.02
N ILE B 481 23.31 17.98 -20.78
CA ILE B 481 21.98 17.34 -21.01
C ILE B 481 21.17 18.24 -21.94
N ASN B 482 21.15 17.93 -23.24
CA ASN B 482 20.39 18.73 -24.23
C ASN B 482 20.08 17.83 -25.41
N LEU B 483 19.00 18.14 -26.11
CA LEU B 483 18.44 17.28 -27.16
C LEU B 483 19.44 17.11 -28.30
N ALA B 484 20.05 18.20 -28.78
CA ALA B 484 20.95 18.17 -29.96
C ALA B 484 22.12 17.21 -29.68
N LYS B 485 22.71 17.29 -28.49
CA LYS B 485 23.83 16.42 -28.07
C LYS B 485 23.35 14.96 -28.15
N GLN B 486 22.12 14.68 -27.71
CA GLN B 486 21.59 13.30 -27.64
C GLN B 486 21.25 12.78 -29.05
N LYS B 487 20.98 13.66 -30.01
CA LYS B 487 20.74 13.29 -31.42
C LYS B 487 22.08 12.97 -32.09
N GLU B 488 23.16 13.65 -31.68
CA GLU B 488 24.52 13.51 -32.28
C GLU B 488 25.19 12.23 -31.76
N THR B 489 25.10 11.96 -30.46
CA THR B 489 25.91 10.91 -29.76
C THR B 489 25.29 9.54 -30.06
N ALA B 490 26.10 8.47 -30.08
CA ALA B 490 25.67 7.11 -30.52
C ALA B 490 24.53 6.60 -29.65
N ARG B 491 24.64 6.83 -28.34
CA ARG B 491 23.72 6.31 -27.31
C ARG B 491 23.21 7.49 -26.48
N SER B 492 21.89 7.57 -26.29
CA SER B 492 21.33 8.72 -25.55
C SER B 492 19.94 8.38 -25.02
N HIS B 493 19.51 9.14 -24.00
CA HIS B 493 18.14 9.05 -23.46
C HIS B 493 17.15 9.21 -24.61
N PHE B 494 17.39 10.20 -25.47
CA PHE B 494 16.45 10.56 -26.56
C PHE B 494 16.41 9.42 -27.58
N LYS B 495 17.55 8.87 -27.98
CA LYS B 495 17.55 7.73 -28.94
C LYS B 495 16.81 6.52 -28.34
N ASN B 496 16.91 6.30 -27.04
CA ASN B 496 16.20 5.19 -26.35
C ASN B 496 14.70 5.49 -26.36
N TYR B 497 14.34 6.74 -26.10
CA TYR B 497 12.94 7.20 -26.13
C TYR B 497 12.34 6.90 -27.52
N GLN B 498 13.04 7.27 -28.58
CA GLN B 498 12.60 7.04 -29.98
C GLN B 498 12.42 5.54 -30.23
N ALA B 499 13.37 4.71 -29.81
CA ALA B 499 13.30 3.25 -30.03
C ALA B 499 12.08 2.71 -29.30
N LEU B 500 11.76 3.24 -28.11
CA LEU B 500 10.63 2.72 -27.31
C LEU B 500 9.29 3.17 -27.91
N THR B 501 9.17 4.42 -28.35
CA THR B 501 7.91 4.91 -28.97
C THR B 501 7.69 4.19 -30.30
N LYS B 502 8.77 3.85 -31.00
CA LYS B 502 8.70 3.01 -32.23
C LYS B 502 8.19 1.61 -31.87
N LEU B 503 8.69 1.03 -30.78
CA LEU B 503 8.32 -0.35 -30.35
C LEU B 503 6.83 -0.41 -30.03
N ARG B 504 6.22 0.68 -29.57
CA ARG B 504 4.79 0.71 -29.21
C ARG B 504 3.89 0.49 -30.44
N LYS B 505 4.42 0.67 -31.66
CA LYS B 505 3.67 0.34 -32.91
C LYS B 505 3.59 -1.17 -33.11
N GLN B 506 4.47 -1.95 -32.47
CA GLN B 506 4.42 -3.44 -32.58
C GLN B 506 3.17 -3.95 -31.86
N ALA B 507 2.48 -4.92 -32.49
CA ALA B 507 1.27 -5.57 -31.96
C ALA B 507 1.50 -6.09 -30.54
N THR B 508 2.69 -6.60 -30.23
CA THR B 508 3.04 -7.11 -28.89
C THR B 508 2.79 -6.03 -27.83
N LEU B 509 3.10 -4.77 -28.11
CA LEU B 509 2.93 -3.69 -27.09
C LEU B 509 1.51 -3.10 -27.13
N SER B 510 0.87 -3.00 -28.29
CA SER B 510 -0.52 -2.48 -28.39
C SER B 510 -1.53 -3.52 -27.87
N HIS B 511 -1.36 -4.80 -28.23
CA HIS B 511 -2.38 -5.87 -28.03
C HIS B 511 -1.89 -6.98 -27.08
N GLY B 512 -0.59 -7.04 -26.79
CA GLY B 512 0.02 -8.15 -26.04
C GLY B 512 -0.42 -8.21 -24.58
N GLU B 513 -0.31 -9.39 -24.00
CA GLU B 513 -0.47 -9.61 -22.54
C GLU B 513 0.72 -8.94 -21.83
N TYR B 514 0.61 -8.79 -20.53
CA TYR B 514 1.72 -8.27 -19.67
C TYR B 514 1.88 -9.23 -18.49
N ASP B 515 3.12 -9.46 -18.09
CA ASP B 515 3.47 -10.19 -16.86
C ASP B 515 4.56 -9.38 -16.18
N ILE B 516 4.41 -9.13 -14.88
CA ILE B 516 5.37 -8.31 -14.10
C ILE B 516 5.58 -8.98 -12.75
N ARG B 517 6.85 -9.20 -12.38
CA ARG B 517 7.19 -9.76 -11.06
C ARG B 517 8.61 -9.32 -10.74
N ALA B 518 8.93 -9.23 -9.45
CA ALA B 518 10.29 -8.96 -8.97
C ALA B 518 11.06 -10.27 -8.99
N LEU B 519 12.28 -10.26 -9.55
CA LEU B 519 13.21 -11.41 -9.49
C LEU B 519 13.96 -11.37 -8.16
N SER B 520 14.10 -10.17 -7.59
CA SER B 520 14.86 -9.92 -6.34
C SER B 520 14.37 -8.59 -5.78
N ASP B 521 14.94 -8.14 -4.67
CA ASP B 521 14.67 -6.80 -4.11
C ASP B 521 15.23 -5.76 -5.09
N ARG B 522 16.13 -6.14 -5.99
CA ARG B 522 16.84 -5.18 -6.89
C ARG B 522 16.26 -5.13 -8.29
N THR B 523 15.85 -6.27 -8.85
CA THR B 523 15.51 -6.39 -10.30
C THR B 523 14.09 -6.91 -10.46
N PHE B 524 13.32 -6.28 -11.37
CA PHE B 524 12.02 -6.84 -11.82
C PHE B 524 12.05 -6.97 -13.34
N TYR B 525 11.13 -7.80 -13.83
CA TYR B 525 10.85 -7.99 -15.26
C TYR B 525 9.45 -7.45 -15.57
N LEU B 526 9.31 -6.95 -16.78
CA LEU B 526 7.99 -6.69 -17.41
C LEU B 526 8.04 -7.33 -18.78
N VAL B 527 7.19 -8.33 -19.01
CA VAL B 527 7.13 -9.08 -20.29
C VAL B 527 5.85 -8.74 -21.03
N ARG B 528 5.98 -8.33 -22.28
CA ARG B 528 4.86 -8.18 -23.24
C ARG B 528 4.96 -9.34 -24.22
N SER B 529 3.88 -10.11 -24.36
CA SER B 529 3.83 -11.34 -25.19
C SER B 529 2.48 -11.42 -25.91
N LEU B 530 2.49 -12.11 -27.04
CA LEU B 530 1.33 -12.22 -27.96
C LEU B 530 1.61 -13.37 -28.91
N PRO B 531 0.87 -14.48 -28.85
CA PRO B 531 1.11 -15.61 -29.75
C PRO B 531 1.36 -15.14 -31.20
N THR B 532 2.46 -15.64 -31.79
CA THR B 532 2.93 -15.43 -33.19
C THR B 532 3.68 -14.11 -33.36
N HIS B 533 3.75 -13.26 -32.32
CA HIS B 533 4.48 -11.96 -32.35
C HIS B 533 5.68 -12.05 -31.41
N ASP B 534 6.72 -11.26 -31.70
CA ASP B 534 7.96 -11.20 -30.88
C ASP B 534 7.60 -10.90 -29.42
N THR B 535 8.38 -11.43 -28.49
CA THR B 535 8.27 -11.15 -27.04
C THR B 535 9.23 -10.02 -26.70
N TYR B 536 8.80 -9.11 -25.82
CA TYR B 536 9.64 -7.99 -25.35
C TYR B 536 9.64 -8.04 -23.84
N VAL B 537 10.85 -7.96 -23.28
CA VAL B 537 11.10 -8.12 -21.83
C VAL B 537 11.91 -6.92 -21.35
N LEU B 538 11.38 -6.17 -20.38
CA LEU B 538 12.18 -5.21 -19.60
C LEU B 538 12.79 -5.97 -18.43
N LEU B 539 14.09 -5.79 -18.23
CA LEU B 539 14.80 -6.16 -16.98
C LEU B 539 15.38 -4.87 -16.44
N PHE B 540 15.01 -4.53 -15.21
CA PHE B 540 15.42 -3.24 -14.60
C PHE B 540 15.93 -3.50 -13.19
N ASN B 541 17.21 -3.21 -12.96
CA ASN B 541 17.82 -3.13 -11.63
C ASN B 541 17.63 -1.70 -11.10
N VAL B 542 16.65 -1.51 -10.21
CA VAL B 542 16.28 -0.17 -9.67
C VAL B 542 17.14 0.16 -8.45
N SER B 543 18.01 -0.76 -8.02
CA SER B 543 18.78 -0.66 -6.75
C SER B 543 20.09 0.12 -6.97
N GLU B 544 20.82 0.38 -5.89
CA GLU B 544 22.16 1.00 -5.96
C GLU B 544 23.23 -0.09 -6.00
N ARG B 545 22.84 -1.38 -6.10
CA ARG B 545 23.79 -2.51 -6.10
C ARG B 545 23.62 -3.32 -7.39
N ARG B 546 24.65 -4.06 -7.77
CA ARG B 546 24.56 -5.03 -8.89
C ARG B 546 23.68 -6.19 -8.46
N ASP B 547 23.13 -6.89 -9.45
CA ASP B 547 22.22 -8.03 -9.21
C ASP B 547 22.43 -9.05 -10.33
N THR B 548 22.55 -10.31 -9.97
CA THR B 548 22.58 -11.42 -10.96
C THR B 548 21.26 -12.19 -10.85
N VAL B 549 20.54 -12.29 -11.95
CA VAL B 549 19.20 -12.93 -12.01
C VAL B 549 19.25 -14.12 -12.96
N ASP B 550 18.30 -15.02 -12.76
CA ASP B 550 18.09 -16.22 -13.59
C ASP B 550 16.99 -15.90 -14.60
N LEU B 551 17.36 -15.69 -15.86
CA LEU B 551 16.41 -15.42 -16.96
C LEU B 551 15.46 -16.60 -17.18
N GLY B 552 15.81 -17.80 -16.68
CA GLY B 552 14.94 -18.98 -16.70
C GLY B 552 13.65 -18.76 -15.92
N ARG B 553 13.64 -17.79 -15.00
CA ARG B 553 12.44 -17.42 -14.20
C ARG B 553 11.52 -16.48 -14.97
N VAL B 554 11.95 -15.94 -16.11
CA VAL B 554 11.18 -14.90 -16.85
C VAL B 554 10.26 -15.61 -17.82
N PRO B 555 8.92 -15.45 -17.66
CA PRO B 555 7.97 -16.11 -18.54
C PRO B 555 8.14 -15.60 -19.98
N HIS B 556 8.01 -16.52 -20.94
CA HIS B 556 7.97 -16.25 -22.40
C HIS B 556 9.34 -15.85 -22.92
N LEU B 557 10.39 -15.83 -22.09
CA LEU B 557 11.76 -15.47 -22.51
C LEU B 557 12.47 -16.76 -22.93
N THR B 558 12.57 -16.98 -24.23
CA THR B 558 13.41 -18.05 -24.83
C THR B 558 14.75 -17.42 -25.22
N LEU B 559 15.84 -18.10 -24.90
CA LEU B 559 17.20 -17.66 -25.31
C LEU B 559 17.62 -18.51 -26.51
N PRO B 560 18.48 -17.98 -27.42
CA PRO B 560 19.06 -16.64 -27.26
C PRO B 560 18.07 -15.52 -27.57
N ALA B 561 18.32 -14.33 -27.01
CA ALA B 561 17.48 -13.12 -27.18
C ALA B 561 18.41 -11.96 -27.55
N THR B 562 17.84 -10.89 -28.12
CA THR B 562 18.61 -9.73 -28.62
C THR B 562 18.24 -8.50 -27.78
N VAL B 563 19.25 -7.70 -27.43
CA VAL B 563 19.02 -6.38 -26.78
C VAL B 563 18.41 -5.45 -27.83
N TYR B 564 17.17 -5.02 -27.60
CA TYR B 564 16.47 -4.01 -28.45
C TYR B 564 16.90 -2.62 -27.98
N VAL B 565 16.85 -2.38 -26.68
CA VAL B 565 17.25 -1.10 -26.02
C VAL B 565 18.05 -1.43 -24.77
N SER B 566 19.10 -0.67 -24.53
CA SER B 566 19.86 -0.71 -23.26
C SER B 566 19.98 0.71 -22.72
N SER B 567 20.01 0.84 -21.40
CA SER B 567 20.35 2.10 -20.71
C SER B 567 21.70 2.59 -21.26
N ILE B 568 21.93 3.90 -21.22
CA ILE B 568 23.04 4.55 -21.98
C ILE B 568 24.41 4.09 -21.49
N HIS B 569 24.51 3.49 -20.30
CA HIS B 569 25.81 2.99 -19.75
C HIS B 569 25.84 1.48 -19.56
N SER B 570 24.85 0.77 -20.08
CA SER B 570 24.84 -0.71 -20.08
C SER B 570 26.06 -1.25 -20.81
N ALA B 571 26.62 -2.35 -20.33
CA ALA B 571 27.65 -3.16 -21.01
C ALA B 571 27.13 -3.60 -22.39
N ARG B 572 25.81 -3.73 -22.51
CA ARG B 572 25.15 -4.31 -23.71
C ARG B 572 24.69 -3.17 -24.63
N LEU B 573 25.13 -3.20 -25.89
CA LEU B 573 24.61 -2.33 -26.97
C LEU B 573 23.38 -2.99 -27.60
N ALA B 574 22.47 -2.21 -28.17
CA ALA B 574 21.38 -2.72 -29.03
C ALA B 574 21.99 -3.70 -30.04
N GLY B 575 21.38 -4.87 -30.21
CA GLY B 575 21.89 -5.95 -31.08
C GLY B 575 22.73 -6.97 -30.33
N HIS B 576 23.17 -6.67 -29.11
CA HIS B 576 23.92 -7.60 -28.22
C HIS B 576 23.08 -8.86 -28.05
N GLU B 577 23.67 -10.03 -28.27
CA GLU B 577 23.01 -11.34 -28.11
C GLU B 577 23.13 -11.78 -26.64
N ILE B 578 22.00 -12.06 -26.00
CA ILE B 578 21.94 -12.69 -24.64
C ILE B 578 21.79 -14.20 -24.86
N THR B 579 22.81 -14.98 -24.49
CA THR B 579 22.83 -16.46 -24.64
C THR B 579 22.76 -17.15 -23.27
N SER B 580 23.38 -16.58 -22.24
CA SER B 580 23.45 -17.13 -20.87
C SER B 580 22.14 -16.86 -20.13
N SER B 581 21.67 -17.82 -19.34
CA SER B 581 20.51 -17.70 -18.43
C SER B 581 20.87 -16.85 -17.20
N GLN B 582 22.16 -16.66 -16.92
CA GLN B 582 22.64 -15.82 -15.79
C GLN B 582 22.91 -14.41 -16.33
N LEU B 583 22.22 -13.42 -15.80
CA LEU B 583 22.39 -12.02 -16.26
C LEU B 583 22.75 -11.13 -15.07
N SER B 584 23.93 -10.53 -15.11
N SER B 584 23.92 -10.52 -15.13
CA SER B 584 24.42 -9.51 -14.14
CA SER B 584 24.43 -9.51 -14.17
C SER B 584 24.05 -8.11 -14.65
C SER B 584 24.05 -8.11 -14.67
N LEU B 585 23.31 -7.36 -13.83
CA LEU B 585 22.89 -5.98 -14.13
C LEU B 585 23.54 -5.02 -13.14
N GLU B 586 24.06 -3.92 -13.64
CA GLU B 586 24.56 -2.81 -12.79
C GLU B 586 23.38 -2.10 -12.14
N ALA B 587 23.65 -1.38 -11.06
CA ALA B 587 22.71 -0.42 -10.45
C ALA B 587 22.11 0.43 -11.58
N GLY B 588 20.78 0.48 -11.68
CA GLY B 588 20.07 1.35 -12.62
C GLY B 588 20.00 0.78 -14.02
N GLU B 589 20.71 -0.31 -14.31
CA GLU B 589 20.77 -0.84 -15.69
C GLU B 589 19.39 -1.35 -16.08
N ALA B 590 18.99 -1.04 -17.31
CA ALA B 590 17.70 -1.52 -17.85
C ALA B 590 17.95 -2.00 -19.27
N LEU B 591 17.33 -3.13 -19.59
CA LEU B 591 17.40 -3.74 -20.93
C LEU B 591 15.98 -4.02 -21.42
N VAL B 592 15.75 -3.80 -22.71
CA VAL B 592 14.61 -4.45 -23.41
C VAL B 592 15.20 -5.56 -24.29
N LEU B 593 14.82 -6.82 -24.03
CA LEU B 593 15.21 -7.98 -24.86
C LEU B 593 14.06 -8.28 -25.83
N LYS B 594 14.40 -8.56 -27.08
CA LYS B 594 13.49 -9.10 -28.11
C LYS B 594 13.73 -10.63 -28.19
N ALA B 595 12.69 -11.43 -27.94
CA ALA B 595 12.77 -12.91 -27.94
C ALA B 595 11.77 -13.47 -28.97
N GLN B 596 11.99 -14.71 -29.39
CA GLN B 596 11.12 -15.45 -30.36
C GLN B 596 9.67 -15.42 -29.88
N PRO B 597 8.68 -15.40 -30.80
CA PRO B 597 7.27 -15.47 -30.41
C PRO B 597 6.89 -16.67 -29.54
N ILE B 598 5.88 -16.50 -28.68
CA ILE B 598 5.13 -17.60 -28.00
C ILE B 598 4.01 -18.08 -28.95
#